data_4DQ6
#
_entry.id   4DQ6
#
_cell.length_a   79.426
_cell.length_b   56.094
_cell.length_c   85.275
_cell.angle_alpha   90.000
_cell.angle_beta   99.330
_cell.angle_gamma   90.000
#
_symmetry.space_group_name_H-M   'P 1 21 1'
#
loop_
_entity.id
_entity.type
_entity.pdbx_description
1 polymer 'Putative pyridoxal phosphate-dependent transferase'
2 non-polymer "PYRIDOXAL-5'-PHOSPHATE"
3 non-polymer 'CHLORIDE ION'
4 water water
#
_entity_poly.entity_id   1
_entity_poly.type   'polypeptide(L)'
_entity_poly.pdbx_seq_one_letter_code
;SNAMNYNFNEIVDRSNNFSSKWSEMEKKYGTNDLLPMWVADMDFKAAPCIIDSLKNRLEQEIYGYTTRPDSYNESIVNWL
YRRHNWKIKSEWLIYSPGVIPAISLLINELTKANDKIMIQEPVYSPFNSVVKNNNRELIISPLQKLENGNYIMDYEDIEN
KIKDVKLFILCNPHNPVGRVWTKDELKKLGDICLKHNVKIISDEIHSDIILKKHKHIPMASISKEFEKNTITCMAPTKTF
NIAGLQSSYVVLPDEKDYKLLDDAFTRIDIKRNNCFSLVATEASYNNGESWLESFLEYLESNIDFAIKYINENMPKLKVR
KPEGTYLLWVDFSALGLSDEELESILVQKGKVALNQGNSFGIGGSGYQRINLACPRSMLEEALIRIKNAIN
;
_entity_poly.pdbx_strand_id   A,B
#
loop_
_chem_comp.id
_chem_comp.type
_chem_comp.name
_chem_comp.formula
CL non-polymer 'CHLORIDE ION' 'Cl -1'
PLP non-polymer PYRIDOXAL-5'-PHOSPHATE 'C8 H10 N O6 P'
#
# COMPACT_ATOMS: atom_id res chain seq x y z
N MET A 4 -10.09 -30.61 -14.57
CA MET A 4 -9.03 -30.32 -13.56
C MET A 4 -9.66 -30.23 -12.17
N ASN A 5 -8.95 -30.74 -11.16
CA ASN A 5 -9.46 -30.75 -9.78
C ASN A 5 -8.44 -30.13 -8.82
N TYR A 6 -8.90 -29.23 -7.96
CA TYR A 6 -8.05 -28.57 -6.99
C TYR A 6 -8.48 -28.76 -5.51
N ASN A 7 -9.32 -29.77 -5.27
CA ASN A 7 -9.77 -30.14 -3.92
C ASN A 7 -10.41 -28.95 -3.16
N PHE A 8 -11.39 -28.32 -3.77
CA PHE A 8 -12.10 -27.22 -3.09
C PHE A 8 -12.89 -27.72 -1.90
N ASN A 9 -13.09 -29.04 -1.78
CA ASN A 9 -13.84 -29.63 -0.65
C ASN A 9 -13.00 -29.58 0.67
N GLU A 10 -11.68 -29.48 0.55
CA GLU A 10 -10.81 -29.55 1.70
C GLU A 10 -11.16 -28.52 2.76
N ILE A 11 -11.29 -28.88 4.04
CA ILE A 11 -11.35 -27.81 5.08
C ILE A 11 -9.97 -27.09 5.26
N VAL A 12 -9.91 -25.76 5.27
CA VAL A 12 -8.62 -25.08 5.57
C VAL A 12 -8.90 -24.07 6.70
N ASP A 13 -8.60 -24.49 7.92
CA ASP A 13 -8.88 -23.68 9.07
C ASP A 13 -7.97 -22.45 8.94
N ARG A 14 -8.59 -21.31 9.17
CA ARG A 14 -7.86 -20.05 9.05
C ARG A 14 -7.72 -19.36 10.38
N SER A 15 -7.94 -20.09 11.47
CA SER A 15 -7.78 -19.53 12.81
C SER A 15 -6.35 -18.99 13.04
N ASN A 16 -5.32 -19.52 12.36
CA ASN A 16 -3.90 -19.16 12.45
CA ASN A 16 -3.95 -19.01 12.55
C ASN A 16 -3.40 -18.21 11.34
N ASN A 17 -4.31 -17.84 10.45
CA ASN A 17 -4.02 -17.21 9.13
C ASN A 17 -4.19 -15.68 9.17
N PHE A 18 -4.31 -15.07 10.37
CA PHE A 18 -4.34 -13.60 10.46
C PHE A 18 -5.43 -13.05 9.55
N SER A 19 -6.61 -13.69 9.59
CA SER A 19 -7.68 -13.43 8.68
C SER A 19 -8.71 -12.52 9.33
N SER A 20 -8.99 -11.37 8.72
CA SER A 20 -10.04 -10.50 9.26
C SER A 20 -11.43 -11.18 9.25
N LYS A 21 -11.68 -11.99 8.22
CA LYS A 21 -12.93 -12.73 8.14
C LYS A 21 -13.15 -13.62 9.39
N TRP A 22 -12.09 -14.28 9.82
CA TRP A 22 -12.16 -15.18 10.98
C TRP A 22 -11.86 -14.55 12.32
N SER A 23 -11.24 -13.36 12.33
CA SER A 23 -10.68 -12.74 13.54
C SER A 23 -11.25 -11.39 13.95
N GLU A 24 -11.96 -10.72 13.05
CA GLU A 24 -12.55 -9.39 13.33
C GLU A 24 -14.07 -9.38 13.51
N MET A 25 -14.67 -10.52 13.78
CA MET A 25 -16.10 -10.49 14.00
C MET A 25 -16.51 -9.83 15.33
N GLU A 26 -15.64 -9.86 16.35
CA GLU A 26 -16.00 -9.21 17.62
C GLU A 26 -16.45 -7.76 17.49
N LYS A 27 -15.68 -6.92 16.81
CA LYS A 27 -16.05 -5.51 16.75
C LYS A 27 -17.33 -5.32 15.99
N LYS A 28 -17.61 -6.19 15.03
CA LYS A 28 -18.77 -5.99 14.16
C LYS A 28 -20.03 -6.64 14.72
N TYR A 29 -19.89 -7.84 15.27
CA TYR A 29 -21.02 -8.68 15.68
C TYR A 29 -21.12 -8.83 17.20
N GLY A 30 -20.08 -8.42 17.93
CA GLY A 30 -20.10 -8.51 19.38
C GLY A 30 -19.40 -9.74 19.92
N THR A 31 -19.06 -10.68 19.02
CA THR A 31 -18.36 -11.92 19.35
C THR A 31 -17.65 -12.43 18.12
N ASN A 32 -16.58 -13.21 18.32
CA ASN A 32 -15.83 -13.89 17.28
C ASN A 32 -16.22 -15.37 17.14
N ASP A 33 -17.06 -15.86 18.05
CA ASP A 33 -17.50 -17.24 18.04
CA ASP A 33 -17.46 -17.28 18.00
C ASP A 33 -18.69 -17.45 17.08
N LEU A 34 -18.45 -17.17 15.81
CA LEU A 34 -19.43 -17.28 14.75
C LEU A 34 -18.82 -17.99 13.53
N LEU A 35 -19.66 -18.61 12.70
CA LEU A 35 -19.25 -19.17 11.43
C LEU A 35 -19.25 -18.00 10.44
N PRO A 36 -18.10 -17.67 9.84
CA PRO A 36 -18.05 -16.44 9.03
C PRO A 36 -18.44 -16.65 7.58
N MET A 37 -19.42 -15.88 7.10
CA MET A 37 -19.82 -15.91 5.71
C MET A 37 -20.01 -14.49 5.20
N TRP A 38 -19.17 -13.61 5.68
CA TRP A 38 -19.44 -12.17 5.51
C TRP A 38 -18.45 -11.58 4.55
N VAL A 39 -17.29 -11.19 5.04
CA VAL A 39 -16.21 -10.57 4.22
C VAL A 39 -15.96 -11.32 2.92
N ALA A 40 -15.83 -10.62 1.80
CA ALA A 40 -15.55 -11.21 0.49
C ALA A 40 -14.07 -11.53 0.28
N ASP A 41 -13.62 -12.59 0.95
CA ASP A 41 -12.46 -13.37 0.51
C ASP A 41 -12.90 -14.81 0.62
N MET A 42 -12.09 -15.72 0.10
CA MET A 42 -12.53 -17.08 -0.01
C MET A 42 -11.88 -17.95 1.03
N ASP A 43 -12.55 -19.02 1.44
CA ASP A 43 -11.92 -20.04 2.29
C ASP A 43 -11.39 -21.19 1.45
N PHE A 44 -10.66 -20.77 0.43
CA PHE A 44 -9.96 -21.67 -0.45
C PHE A 44 -8.48 -21.29 -0.56
N LYS A 45 -7.61 -22.26 -0.73
CA LYS A 45 -6.21 -22.00 -1.04
C LYS A 45 -6.06 -21.27 -2.35
N ALA A 46 -5.03 -20.46 -2.49
CA ALA A 46 -4.75 -19.81 -3.76
C ALA A 46 -4.39 -20.84 -4.77
N ALA A 47 -4.47 -20.54 -6.04
CA ALA A 47 -4.07 -21.42 -7.09
C ALA A 47 -2.62 -21.90 -6.93
N PRO A 48 -2.36 -23.13 -7.28
CA PRO A 48 -0.98 -23.60 -7.19
C PRO A 48 0.07 -22.75 -7.88
N CYS A 49 -0.26 -22.18 -9.03
CA CYS A 49 0.69 -21.33 -9.71
C CYS A 49 1.05 -20.06 -8.92
N ILE A 50 0.06 -19.56 -8.20
CA ILE A 50 0.31 -18.37 -7.36
C ILE A 50 1.22 -18.73 -6.16
N ILE A 51 0.94 -19.89 -5.47
CA ILE A 51 1.77 -20.31 -4.34
C ILE A 51 3.21 -20.53 -4.84
N ASP A 52 3.37 -21.14 -6.02
CA ASP A 52 4.71 -21.42 -6.43
C ASP A 52 5.47 -20.15 -6.86
N SER A 53 4.76 -19.17 -7.43
CA SER A 53 5.40 -17.88 -7.75
C SER A 53 5.89 -17.19 -6.46
N LEU A 54 5.06 -17.27 -5.44
CA LEU A 54 5.43 -16.70 -4.14
C LEU A 54 6.62 -17.45 -3.55
N LYS A 55 6.69 -18.78 -3.69
CA LYS A 55 7.80 -19.53 -3.15
C LYS A 55 9.08 -19.18 -3.86
N ASN A 56 9.04 -19.06 -5.18
CA ASN A 56 10.20 -18.71 -5.95
C ASN A 56 10.72 -17.33 -5.56
N ARG A 57 9.79 -16.39 -5.39
CA ARG A 57 10.22 -15.06 -5.00
C ARG A 57 10.83 -15.06 -3.57
N LEU A 58 10.15 -15.73 -2.65
CA LEU A 58 10.61 -15.85 -1.25
C LEU A 58 12.02 -16.40 -1.21
N GLU A 59 12.31 -17.47 -1.98
CA GLU A 59 13.62 -18.09 -1.94
C GLU A 59 14.79 -17.25 -2.47
N GLN A 60 14.51 -16.12 -3.09
CA GLN A 60 15.58 -15.16 -3.41
C GLN A 60 16.15 -14.48 -2.19
N GLU A 61 15.33 -14.30 -1.13
CA GLU A 61 15.80 -13.96 0.22
C GLU A 61 16.20 -12.49 0.36
N ILE A 62 15.92 -11.70 -0.67
CA ILE A 62 16.10 -10.21 -0.59
C ILE A 62 14.81 -9.55 -0.99
N TYR A 63 14.37 -8.64 -0.14
CA TYR A 63 13.03 -8.03 -0.28
C TYR A 63 13.05 -6.51 -0.31
N GLY A 64 13.82 -5.95 -1.22
CA GLY A 64 13.97 -4.50 -1.36
C GLY A 64 13.00 -3.89 -2.32
N TYR A 65 13.30 -2.64 -2.71
CA TYR A 65 12.33 -1.89 -3.56
C TYR A 65 12.17 -2.62 -4.89
N THR A 66 10.92 -2.77 -5.30
CA THR A 66 10.52 -3.63 -6.38
C THR A 66 10.21 -2.90 -7.63
N THR A 67 10.82 -3.29 -8.72
CA THR A 67 10.54 -2.71 -10.04
C THR A 67 9.36 -3.45 -10.71
N ARG A 68 8.62 -2.79 -11.59
CA ARG A 68 7.52 -3.40 -12.31
C ARG A 68 7.99 -3.71 -13.72
N PRO A 69 8.32 -4.94 -13.99
CA PRO A 69 8.85 -5.27 -15.33
C PRO A 69 7.73 -5.18 -16.36
N ASP A 70 8.07 -5.03 -17.64
CA ASP A 70 7.03 -4.91 -18.66
C ASP A 70 6.08 -6.11 -18.66
N SER A 71 6.58 -7.29 -18.28
CA SER A 71 5.77 -8.54 -18.25
C SER A 71 4.53 -8.46 -17.32
N TYR A 72 4.60 -7.61 -16.30
CA TYR A 72 3.50 -7.46 -15.36
C TYR A 72 2.27 -6.85 -16.06
N ASN A 73 2.44 -5.67 -16.66
CA ASN A 73 1.30 -5.04 -17.37
C ASN A 73 0.95 -5.83 -18.65
N GLU A 74 1.92 -6.49 -19.29
CA GLU A 74 1.63 -7.39 -20.42
C GLU A 74 0.65 -8.52 -20.01
N SER A 75 0.80 -9.07 -18.79
CA SER A 75 -0.09 -10.10 -18.35
C SER A 75 -1.52 -9.58 -18.21
N ILE A 76 -1.64 -8.34 -17.74
CA ILE A 76 -2.93 -7.70 -17.60
C ILE A 76 -3.57 -7.45 -18.99
N VAL A 77 -2.83 -6.85 -19.87
CA VAL A 77 -3.33 -6.56 -21.21
C VAL A 77 -3.81 -7.85 -21.86
N ASN A 78 -3.01 -8.92 -21.74
CA ASN A 78 -3.38 -10.19 -22.35
C ASN A 78 -4.59 -10.83 -21.74
N TRP A 79 -4.72 -10.76 -20.41
CA TRP A 79 -5.98 -11.19 -19.76
C TRP A 79 -7.21 -10.48 -20.25
N LEU A 80 -7.16 -9.16 -20.31
CA LEU A 80 -8.34 -8.43 -20.68
C LEU A 80 -8.75 -8.76 -22.13
N TYR A 81 -7.78 -8.94 -23.02
CA TYR A 81 -8.16 -9.39 -24.35
C TYR A 81 -8.69 -10.82 -24.41
N ARG A 82 -8.01 -11.76 -23.76
CA ARG A 82 -8.38 -13.18 -23.82
C ARG A 82 -9.74 -13.42 -23.23
N ARG A 83 -9.95 -12.83 -22.07
CA ARG A 83 -11.13 -13.08 -21.28
C ARG A 83 -12.32 -12.21 -21.65
N HIS A 84 -12.07 -10.96 -22.01
CA HIS A 84 -13.17 -10.01 -22.19
C HIS A 84 -13.24 -9.44 -23.56
N ASN A 85 -12.35 -9.82 -24.45
CA ASN A 85 -12.30 -9.25 -25.80
C ASN A 85 -12.17 -7.73 -25.76
N TRP A 86 -11.40 -7.23 -24.83
CA TRP A 86 -11.17 -5.81 -24.67
C TRP A 86 -9.70 -5.57 -24.88
N LYS A 87 -9.37 -4.89 -25.96
CA LYS A 87 -7.98 -4.55 -26.24
C LYS A 87 -7.65 -3.21 -25.60
N ILE A 88 -6.73 -3.24 -24.66
CA ILE A 88 -6.20 -2.02 -24.03
C ILE A 88 -4.72 -1.84 -24.37
N LYS A 89 -4.19 -0.67 -24.04
CA LYS A 89 -2.76 -0.43 -24.16
C LYS A 89 -2.16 -0.48 -22.76
N SER A 90 -0.96 -1.04 -22.65
CA SER A 90 -0.24 -1.10 -21.37
C SER A 90 0.00 0.29 -20.81
N GLU A 91 0.11 1.28 -21.71
CA GLU A 91 0.31 2.66 -21.30
C GLU A 91 -0.87 3.27 -20.55
N TRP A 92 -2.04 2.66 -20.61
CA TRP A 92 -3.21 3.12 -19.90
C TRP A 92 -3.26 2.70 -18.46
N LEU A 93 -2.35 1.84 -17.97
CA LEU A 93 -2.50 1.22 -16.68
C LEU A 93 -1.76 1.94 -15.59
N ILE A 94 -2.48 2.18 -14.47
CA ILE A 94 -1.87 2.66 -13.24
C ILE A 94 -2.07 1.63 -12.11
N TYR A 95 -0.97 1.32 -11.39
CA TYR A 95 -1.01 0.47 -10.19
C TYR A 95 -1.75 1.18 -9.05
N SER A 96 -2.53 0.46 -8.27
CA SER A 96 -3.06 0.94 -7.02
C SER A 96 -3.06 -0.22 -6.02
N PRO A 97 -2.82 0.06 -4.73
CA PRO A 97 -2.91 -1.08 -3.78
C PRO A 97 -4.32 -1.64 -3.66
N GLY A 98 -5.30 -0.85 -4.04
CA GLY A 98 -6.72 -1.24 -4.00
C GLY A 98 -7.62 -0.40 -4.87
N VAL A 99 -8.81 -0.93 -5.10
CA VAL A 99 -9.79 -0.21 -5.90
C VAL A 99 -10.24 1.03 -5.20
N ILE A 100 -10.60 0.96 -3.92
CA ILE A 100 -11.15 2.16 -3.29
C ILE A 100 -10.13 3.29 -3.15
N PRO A 101 -8.85 3.00 -2.87
CA PRO A 101 -7.86 4.04 -2.89
C PRO A 101 -7.80 4.80 -4.22
N ALA A 102 -7.83 4.06 -5.34
CA ALA A 102 -7.85 4.66 -6.68
C ALA A 102 -9.06 5.53 -6.83
N ILE A 103 -10.24 5.02 -6.51
CA ILE A 103 -11.48 5.80 -6.66
C ILE A 103 -11.44 7.06 -5.82
N SER A 104 -10.89 6.93 -4.60
CA SER A 104 -10.81 8.08 -3.70
C SER A 104 -9.92 9.15 -4.32
N LEU A 105 -8.77 8.81 -4.89
CA LEU A 105 -7.88 9.80 -5.51
C LEU A 105 -8.60 10.40 -6.75
N LEU A 106 -9.23 9.55 -7.57
CA LEU A 106 -9.97 10.02 -8.75
C LEU A 106 -11.00 11.07 -8.36
N ILE A 107 -11.72 10.82 -7.28
CA ILE A 107 -12.76 11.76 -6.81
C ILE A 107 -12.12 13.07 -6.44
N ASN A 108 -11.08 13.06 -5.64
CA ASN A 108 -10.39 14.28 -5.30
C ASN A 108 -9.89 15.07 -6.50
N GLU A 109 -9.37 14.40 -7.52
CA GLU A 109 -8.74 15.06 -8.68
C GLU A 109 -9.72 15.49 -9.78
N LEU A 110 -10.82 14.76 -9.92
CA LEU A 110 -11.80 15.00 -11.00
C LEU A 110 -12.94 15.90 -10.62
N THR A 111 -13.05 16.23 -9.35
CA THR A 111 -14.17 17.01 -8.82
C THR A 111 -13.65 18.00 -7.79
N LYS A 112 -14.49 18.94 -7.41
CA LYS A 112 -14.19 19.87 -6.31
C LYS A 112 -15.12 19.56 -5.16
N ALA A 113 -14.76 20.07 -4.00
CA ALA A 113 -15.58 19.95 -2.79
C ALA A 113 -17.05 20.23 -3.04
N ASN A 114 -17.90 19.39 -2.47
CA ASN A 114 -19.38 19.46 -2.63
C ASN A 114 -19.94 19.22 -4.04
N ASP A 115 -19.13 18.81 -5.01
CA ASP A 115 -19.63 18.34 -6.31
C ASP A 115 -20.43 17.05 -6.05
N LYS A 116 -21.42 16.84 -6.91
CA LYS A 116 -22.30 15.67 -6.83
C LYS A 116 -21.74 14.46 -7.60
N ILE A 117 -21.83 13.28 -6.98
CA ILE A 117 -21.37 12.00 -7.49
C ILE A 117 -22.50 11.01 -7.23
N MET A 118 -22.84 10.26 -8.28
CA MET A 118 -23.97 9.37 -8.27
C MET A 118 -23.55 7.94 -8.14
N ILE A 119 -24.27 7.23 -7.27
CA ILE A 119 -24.12 5.73 -7.14
C ILE A 119 -25.48 5.06 -7.20
N GLN A 120 -25.56 3.74 -7.40
CA GLN A 120 -26.82 2.97 -7.37
C GLN A 120 -26.84 2.00 -6.20
N GLU A 121 -27.73 2.18 -5.27
CA GLU A 121 -27.88 1.30 -4.10
C GLU A 121 -29.02 0.31 -4.29
N PRO A 122 -28.97 -0.85 -3.62
CA PRO A 122 -27.93 -1.22 -2.63
C PRO A 122 -26.62 -1.55 -3.32
N VAL A 123 -25.49 -1.13 -2.75
CA VAL A 123 -24.21 -1.39 -3.34
C VAL A 123 -23.16 -1.43 -2.23
N TYR A 124 -22.06 -2.08 -2.55
CA TYR A 124 -20.77 -2.14 -1.80
C TYR A 124 -20.60 -0.82 -1.02
N SER A 125 -20.51 -0.92 0.30
CA SER A 125 -20.72 0.28 1.13
C SER A 125 -19.63 1.31 0.96
N PRO A 126 -18.40 0.92 0.62
CA PRO A 126 -17.38 1.96 0.41
C PRO A 126 -17.70 2.92 -0.69
N PHE A 127 -18.58 2.57 -1.62
CA PHE A 127 -19.05 3.54 -2.66
C PHE A 127 -19.68 4.81 -2.03
N ASN A 128 -20.49 4.60 -1.01
CA ASN A 128 -21.14 5.65 -0.28
C ASN A 128 -20.10 6.43 0.55
N SER A 129 -19.33 5.73 1.36
CA SER A 129 -18.42 6.41 2.24
C SER A 129 -17.31 7.13 1.50
N VAL A 130 -16.83 6.60 0.37
CA VAL A 130 -15.71 7.25 -0.30
C VAL A 130 -16.12 8.63 -0.82
N VAL A 131 -17.39 8.79 -1.18
CA VAL A 131 -17.85 10.08 -1.65
C VAL A 131 -17.93 11.09 -0.49
N LYS A 132 -18.52 10.62 0.61
CA LYS A 132 -18.71 11.40 1.82
C LYS A 132 -17.40 11.77 2.50
N ASN A 133 -16.47 10.82 2.56
CA ASN A 133 -15.21 11.03 3.24
C ASN A 133 -14.27 11.95 2.44
N ASN A 134 -14.61 12.16 1.17
CA ASN A 134 -13.99 13.21 0.35
C ASN A 134 -14.78 14.53 0.25
N ASN A 135 -15.79 14.71 1.08
CA ASN A 135 -16.58 15.94 1.13
C ASN A 135 -17.14 16.29 -0.23
N ARG A 136 -17.61 15.27 -0.93
CA ARG A 136 -18.45 15.47 -2.08
C ARG A 136 -19.86 15.08 -1.67
N GLU A 137 -20.82 15.47 -2.50
CA GLU A 137 -22.24 15.25 -2.22
C GLU A 137 -22.70 13.96 -2.92
N LEU A 138 -23.21 13.03 -2.14
CA LEU A 138 -23.62 11.71 -2.67
C LEU A 138 -25.02 11.80 -3.19
N ILE A 139 -25.22 11.41 -4.44
CA ILE A 139 -26.59 11.31 -5.04
C ILE A 139 -26.81 9.81 -5.27
N ILE A 140 -27.93 9.29 -4.80
CA ILE A 140 -28.20 7.83 -4.92
C ILE A 140 -29.40 7.68 -5.86
N SER A 141 -29.21 6.90 -6.94
CA SER A 141 -30.27 6.41 -7.77
C SER A 141 -30.53 4.95 -7.51
N PRO A 142 -31.48 4.63 -6.65
CA PRO A 142 -31.58 3.20 -6.25
C PRO A 142 -31.88 2.32 -7.47
N LEU A 143 -31.27 1.14 -7.50
CA LEU A 143 -31.73 0.14 -8.47
C LEU A 143 -33.23 -0.10 -8.28
N GLN A 144 -33.92 -0.47 -9.36
CA GLN A 144 -35.35 -0.84 -9.32
C GLN A 144 -35.41 -2.35 -9.10
N LYS A 145 -36.07 -2.78 -8.03
CA LYS A 145 -36.42 -4.17 -7.84
C LYS A 145 -37.75 -4.40 -8.52
N LEU A 146 -37.77 -5.19 -9.57
CA LEU A 146 -38.98 -5.46 -10.35
C LEU A 146 -39.88 -6.42 -9.59
N GLU A 147 -41.15 -6.42 -9.96
CA GLU A 147 -42.09 -7.32 -9.34
C GLU A 147 -41.77 -8.78 -9.61
N ASN A 148 -40.89 -9.07 -10.58
CA ASN A 148 -40.39 -10.43 -10.73
C ASN A 148 -39.22 -10.79 -9.82
N GLY A 149 -38.75 -9.88 -8.97
CA GLY A 149 -37.68 -10.12 -8.04
C GLY A 149 -36.27 -9.76 -8.51
N ASN A 150 -36.18 -9.35 -9.76
CA ASN A 150 -34.86 -9.03 -10.38
C ASN A 150 -34.55 -7.57 -10.25
N TYR A 151 -33.26 -7.21 -10.29
CA TYR A 151 -32.88 -5.80 -10.25
C TYR A 151 -32.50 -5.29 -11.63
N ILE A 152 -32.89 -4.04 -11.91
CA ILE A 152 -32.43 -3.30 -13.07
C ILE A 152 -32.07 -1.88 -12.64
N MET A 153 -31.32 -1.23 -13.50
CA MET A 153 -31.14 0.26 -13.34
C MET A 153 -32.43 1.05 -13.49
N ASP A 154 -32.57 2.10 -12.67
CA ASP A 154 -33.71 2.98 -12.79
C ASP A 154 -33.33 4.20 -13.65
N TYR A 155 -33.47 4.04 -14.95
CA TYR A 155 -32.93 4.99 -15.90
C TYR A 155 -33.64 6.32 -15.80
N GLU A 156 -34.96 6.31 -15.57
CA GLU A 156 -35.74 7.52 -15.34
C GLU A 156 -35.21 8.24 -14.10
N ASP A 157 -34.94 7.50 -13.03
CA ASP A 157 -34.47 8.12 -11.78
C ASP A 157 -33.10 8.77 -11.96
N ILE A 158 -32.22 8.07 -12.69
CA ILE A 158 -30.87 8.57 -13.01
C ILE A 158 -31.00 9.90 -13.76
N GLU A 159 -31.81 9.89 -14.82
CA GLU A 159 -32.11 11.13 -15.57
C GLU A 159 -32.64 12.25 -14.69
N ASN A 160 -33.55 11.91 -13.79
CA ASN A 160 -34.21 12.89 -12.93
CA ASN A 160 -34.22 12.90 -12.93
C ASN A 160 -33.24 13.55 -11.94
N LYS A 161 -32.18 12.83 -11.60
CA LYS A 161 -31.22 13.26 -10.58
C LYS A 161 -29.86 13.68 -11.15
N ILE A 162 -29.72 13.72 -12.48
CA ILE A 162 -28.42 13.90 -13.16
C ILE A 162 -27.87 15.33 -13.11
N LYS A 163 -28.74 16.32 -12.96
CA LYS A 163 -28.24 17.69 -13.13
C LYS A 163 -27.06 18.01 -12.18
N ASP A 164 -25.98 18.49 -12.81
CA ASP A 164 -24.72 18.87 -12.14
C ASP A 164 -23.92 17.71 -11.52
N VAL A 165 -24.33 16.45 -11.72
CA VAL A 165 -23.51 15.33 -11.31
C VAL A 165 -22.26 15.37 -12.16
N LYS A 166 -21.11 15.10 -11.53
CA LYS A 166 -19.86 15.15 -12.22
C LYS A 166 -19.37 13.78 -12.58
N LEU A 167 -19.71 12.83 -11.72
CA LEU A 167 -19.17 11.44 -11.82
C LEU A 167 -20.26 10.47 -11.47
N PHE A 168 -20.18 9.28 -12.10
CA PHE A 168 -21.06 8.17 -11.82
C PHE A 168 -20.19 6.99 -11.49
N ILE A 169 -20.45 6.39 -10.32
CA ILE A 169 -19.64 5.23 -9.95
C ILE A 169 -20.52 3.98 -10.18
N LEU A 170 -20.09 3.13 -11.11
CA LEU A 170 -20.86 2.01 -11.58
C LEU A 170 -20.16 0.78 -10.97
N CYS A 171 -20.95 -0.18 -10.46
CA CYS A 171 -20.43 -1.48 -10.05
C CYS A 171 -20.84 -2.55 -11.06
N ASN A 172 -19.85 -3.23 -11.69
CA ASN A 172 -20.10 -4.16 -12.81
C ASN A 172 -19.11 -5.27 -12.83
N PRO A 173 -19.51 -6.47 -12.37
CA PRO A 173 -20.80 -6.85 -11.80
C PRO A 173 -21.17 -6.11 -10.51
N HIS A 174 -22.46 -6.04 -10.20
CA HIS A 174 -22.95 -5.23 -9.11
C HIS A 174 -23.06 -6.10 -7.84
N ASN A 175 -22.22 -5.76 -6.87
CA ASN A 175 -22.27 -6.31 -5.50
C ASN A 175 -23.15 -5.41 -4.65
N PRO A 176 -24.25 -5.90 -4.05
CA PRO A 176 -24.43 -7.31 -3.67
C PRO A 176 -25.48 -8.07 -4.46
N VAL A 177 -26.18 -7.42 -5.36
CA VAL A 177 -27.34 -8.04 -5.99
C VAL A 177 -27.01 -9.12 -7.05
N GLY A 178 -25.78 -9.11 -7.50
CA GLY A 178 -25.25 -10.19 -8.40
C GLY A 178 -25.52 -9.99 -9.88
N ARG A 179 -25.88 -8.76 -10.27
CA ARG A 179 -26.19 -8.41 -11.69
C ARG A 179 -24.91 -8.33 -12.54
N VAL A 180 -24.90 -9.01 -13.67
CA VAL A 180 -23.95 -8.85 -14.73
C VAL A 180 -24.69 -8.03 -15.81
N TRP A 181 -24.43 -6.73 -15.88
CA TRP A 181 -25.19 -5.89 -16.79
C TRP A 181 -24.99 -6.33 -18.24
N THR A 182 -26.06 -6.30 -19.03
CA THR A 182 -25.92 -6.61 -20.45
C THR A 182 -25.39 -5.39 -21.22
N LYS A 183 -24.86 -5.64 -22.39
CA LYS A 183 -24.37 -4.55 -23.24
C LYS A 183 -25.42 -3.52 -23.41
N ASP A 184 -26.66 -3.95 -23.69
CA ASP A 184 -27.71 -2.95 -23.87
C ASP A 184 -28.05 -2.14 -22.62
N GLU A 185 -27.93 -2.77 -21.44
CA GLU A 185 -28.11 -2.03 -20.21
C GLU A 185 -27.00 -0.99 -20.00
N LEU A 186 -25.79 -1.37 -20.35
CA LEU A 186 -24.64 -0.50 -20.21
C LEU A 186 -24.66 0.62 -21.24
N LYS A 187 -25.12 0.30 -22.45
CA LYS A 187 -25.29 1.36 -23.47
C LYS A 187 -26.27 2.41 -23.02
N LYS A 188 -27.38 1.96 -22.46
CA LYS A 188 -28.38 2.97 -22.03
C LYS A 188 -27.80 3.90 -20.96
N LEU A 189 -27.07 3.36 -20.01
CA LEU A 189 -26.43 4.16 -18.96
C LEU A 189 -25.37 5.08 -19.55
N GLY A 190 -24.51 4.54 -20.41
CA GLY A 190 -23.38 5.31 -20.86
C GLY A 190 -23.84 6.45 -21.76
N ASP A 191 -24.95 6.22 -22.46
CA ASP A 191 -25.53 7.28 -23.29
C ASP A 191 -26.03 8.42 -22.45
N ILE A 192 -26.70 8.10 -21.35
CA ILE A 192 -27.13 9.14 -20.42
C ILE A 192 -25.94 9.96 -19.92
N CYS A 193 -24.88 9.27 -19.54
CA CYS A 193 -23.77 9.96 -18.93
C CYS A 193 -23.00 10.80 -19.95
N LEU A 194 -22.77 10.25 -21.14
CA LEU A 194 -22.15 11.02 -22.23
C LEU A 194 -22.94 12.30 -22.47
N LYS A 195 -24.27 12.16 -22.51
CA LYS A 195 -25.15 13.27 -22.86
C LYS A 195 -24.98 14.42 -21.88
N HIS A 196 -24.81 14.09 -20.60
CA HIS A 196 -24.79 15.05 -19.53
C HIS A 196 -23.41 15.36 -19.04
N ASN A 197 -22.41 14.93 -19.81
CA ASN A 197 -21.01 15.15 -19.52
C ASN A 197 -20.61 14.64 -18.14
N VAL A 198 -21.04 13.40 -17.83
CA VAL A 198 -20.79 12.77 -16.53
C VAL A 198 -19.80 11.69 -16.88
N LYS A 199 -18.64 11.75 -16.23
CA LYS A 199 -17.64 10.73 -16.38
C LYS A 199 -18.02 9.49 -15.55
N ILE A 200 -17.79 8.34 -16.12
CA ILE A 200 -18.03 7.05 -15.42
C ILE A 200 -16.78 6.42 -14.87
N ILE A 201 -16.81 6.08 -13.57
CA ILE A 201 -15.77 5.25 -12.98
C ILE A 201 -16.40 3.88 -12.77
N SER A 202 -15.90 2.86 -13.45
CA SER A 202 -16.52 1.55 -13.40
C SER A 202 -15.67 0.62 -12.56
N ASP A 203 -16.20 0.16 -11.41
CA ASP A 203 -15.55 -0.81 -10.57
C ASP A 203 -15.94 -2.20 -11.07
N GLU A 204 -14.94 -2.85 -11.67
CA GLU A 204 -15.20 -4.09 -12.35
C GLU A 204 -14.37 -5.15 -11.65
N ILE A 205 -14.24 -4.97 -10.34
CA ILE A 205 -13.36 -5.89 -9.63
C ILE A 205 -13.91 -7.34 -9.73
N HIS A 206 -15.21 -7.55 -9.82
CA HIS A 206 -15.75 -8.95 -9.89
C HIS A 206 -15.83 -9.48 -11.31
N SER A 207 -15.10 -8.90 -12.24
CA SER A 207 -15.28 -9.09 -13.69
C SER A 207 -14.97 -10.51 -14.15
N ASP A 208 -14.24 -11.28 -13.34
CA ASP A 208 -13.92 -12.67 -13.71
C ASP A 208 -14.84 -13.68 -13.07
N ILE A 209 -15.61 -13.25 -12.10
CA ILE A 209 -16.47 -14.16 -11.36
C ILE A 209 -17.87 -14.12 -11.96
N ILE A 210 -17.99 -14.82 -13.06
CA ILE A 210 -19.17 -14.83 -13.91
C ILE A 210 -19.69 -16.22 -14.11
N LEU A 211 -20.98 -16.42 -13.91
CA LEU A 211 -21.58 -17.75 -13.99
C LEU A 211 -22.00 -18.08 -15.41
N LYS A 212 -22.34 -19.36 -15.62
CA LYS A 212 -22.73 -19.81 -16.94
C LYS A 212 -23.87 -19.01 -17.55
N LYS A 213 -23.82 -18.81 -18.87
CA LYS A 213 -24.82 -18.10 -19.66
C LYS A 213 -24.77 -16.60 -19.42
N HIS A 214 -23.72 -16.11 -18.79
CA HIS A 214 -23.49 -14.66 -18.65
C HIS A 214 -22.10 -14.30 -19.06
N LYS A 215 -21.89 -13.04 -19.42
CA LYS A 215 -20.62 -12.57 -19.94
C LYS A 215 -20.35 -11.17 -19.45
N HIS A 216 -19.18 -10.95 -18.84
CA HIS A 216 -18.76 -9.63 -18.47
C HIS A 216 -18.49 -8.77 -19.67
N ILE A 217 -19.06 -7.57 -19.67
CA ILE A 217 -18.80 -6.53 -20.67
C ILE A 217 -18.20 -5.30 -19.99
N PRO A 218 -16.93 -5.00 -20.20
CA PRO A 218 -16.35 -3.80 -19.64
C PRO A 218 -17.10 -2.63 -20.26
N MET A 219 -17.49 -1.68 -19.43
CA MET A 219 -18.17 -0.54 -19.96
C MET A 219 -17.37 0.18 -21.03
N ALA A 220 -16.09 0.36 -20.76
CA ALA A 220 -15.21 1.08 -21.68
C ALA A 220 -14.99 0.36 -23.00
N SER A 221 -15.36 -0.91 -23.09
CA SER A 221 -15.10 -1.75 -24.26
C SER A 221 -16.16 -1.61 -25.37
N ILE A 222 -17.26 -0.95 -25.04
CA ILE A 222 -18.46 -0.96 -25.92
C ILE A 222 -18.30 -0.11 -27.18
N SER A 223 -17.61 1.01 -27.04
CA SER A 223 -17.36 1.93 -28.15
C SER A 223 -16.20 2.84 -27.82
N LYS A 224 -15.69 3.51 -28.85
CA LYS A 224 -14.60 4.46 -28.64
C LYS A 224 -15.03 5.62 -27.79
N GLU A 225 -16.29 6.02 -27.94
CA GLU A 225 -16.81 7.15 -27.21
C GLU A 225 -16.92 6.75 -25.70
N PHE A 226 -17.32 5.51 -25.46
CA PHE A 226 -17.41 5.07 -24.06
C PHE A 226 -16.01 4.91 -23.47
N GLU A 227 -15.08 4.40 -24.26
CA GLU A 227 -13.68 4.29 -23.85
CA GLU A 227 -13.68 4.29 -23.83
C GLU A 227 -13.14 5.63 -23.36
N LYS A 228 -13.52 6.71 -24.06
CA LYS A 228 -13.05 8.02 -23.67
C LYS A 228 -13.76 8.61 -22.45
N ASN A 229 -14.89 8.05 -22.06
CA ASN A 229 -15.63 8.61 -20.95
C ASN A 229 -15.66 7.70 -19.71
N THR A 230 -14.89 6.63 -19.72
CA THR A 230 -14.93 5.58 -18.66
C THR A 230 -13.52 5.32 -18.14
N ILE A 231 -13.35 5.35 -16.82
CA ILE A 231 -12.13 4.91 -16.14
C ILE A 231 -12.51 3.61 -15.42
N THR A 232 -11.68 2.59 -15.54
CA THR A 232 -12.01 1.23 -15.07
C THR A 232 -11.04 0.70 -14.04
N CYS A 233 -11.58 0.20 -12.93
CA CYS A 233 -10.78 -0.41 -11.87
C CYS A 233 -11.02 -1.91 -11.90
N MET A 234 -9.94 -2.68 -11.92
CA MET A 234 -9.95 -4.18 -11.90
C MET A 234 -8.82 -4.65 -11.02
N ALA A 235 -8.78 -5.96 -10.70
CA ALA A 235 -7.74 -6.45 -9.83
C ALA A 235 -7.76 -7.96 -9.96
N PRO A 236 -6.66 -8.66 -9.62
CA PRO A 236 -6.68 -10.10 -9.47
C PRO A 236 -7.21 -10.59 -8.13
N THR A 237 -7.51 -9.68 -7.21
CA THR A 237 -7.67 -10.03 -5.82
C THR A 237 -8.95 -10.81 -5.54
N LYS A 238 -10.07 -10.36 -6.05
CA LYS A 238 -11.35 -11.08 -5.83
C LYS A 238 -11.27 -12.41 -6.58
N THR A 239 -10.81 -12.37 -7.83
CA THR A 239 -10.75 -13.57 -8.71
C THR A 239 -9.95 -14.72 -8.11
N PHE A 240 -8.81 -14.33 -7.57
CA PHE A 240 -7.85 -15.33 -7.18
C PHE A 240 -7.63 -15.38 -5.68
N ASN A 241 -8.41 -14.69 -4.87
CA ASN A 241 -8.28 -14.72 -3.42
C ASN A 241 -6.94 -14.26 -2.90
N ILE A 242 -6.45 -13.15 -3.46
CA ILE A 242 -5.16 -12.60 -3.03
C ILE A 242 -5.31 -11.12 -2.59
N ALA A 243 -6.39 -10.83 -1.88
CA ALA A 243 -6.62 -9.43 -1.34
C ALA A 243 -5.51 -9.08 -0.34
N GLY A 244 -5.00 -10.09 0.37
CA GLY A 244 -3.91 -9.92 1.31
C GLY A 244 -2.60 -9.52 0.69
N LEU A 245 -2.45 -9.72 -0.65
CA LEU A 245 -1.23 -9.30 -1.33
C LEU A 245 -1.30 -7.87 -1.81
N GLN A 246 -2.51 -7.30 -1.96
CA GLN A 246 -2.76 -5.89 -2.36
C GLN A 246 -2.24 -5.56 -3.76
N SER A 247 -3.10 -5.72 -4.71
CA SER A 247 -2.77 -5.40 -6.09
C SER A 247 -4.03 -5.04 -6.80
N SER A 248 -4.03 -3.92 -7.53
CA SER A 248 -5.14 -3.61 -8.40
C SER A 248 -4.58 -2.67 -9.48
N TYR A 249 -5.41 -2.38 -10.47
CA TYR A 249 -5.01 -1.49 -11.55
C TYR A 249 -6.21 -0.66 -12.01
N VAL A 250 -5.89 0.49 -12.62
CA VAL A 250 -6.84 1.36 -13.21
C VAL A 250 -6.49 1.49 -14.67
N VAL A 251 -7.52 1.56 -15.50
CA VAL A 251 -7.35 1.66 -16.93
C VAL A 251 -7.83 3.07 -17.30
N LEU A 252 -6.93 3.92 -17.79
CA LEU A 252 -7.31 5.32 -18.13
C LEU A 252 -6.88 5.62 -19.59
N PRO A 253 -7.82 5.43 -20.52
CA PRO A 253 -7.53 5.67 -21.95
C PRO A 253 -7.33 7.14 -22.30
N ASP A 254 -7.79 8.05 -21.48
CA ASP A 254 -7.58 9.48 -21.72
C ASP A 254 -6.31 9.92 -20.98
N GLU A 255 -5.32 10.39 -21.73
CA GLU A 255 -4.04 10.75 -21.12
C GLU A 255 -4.13 11.83 -20.05
N LYS A 256 -5.13 12.69 -20.13
CA LYS A 256 -5.29 13.74 -19.09
C LYS A 256 -5.77 13.19 -17.76
N ASP A 257 -6.65 12.21 -17.82
CA ASP A 257 -7.02 11.41 -16.62
C ASP A 257 -5.85 10.61 -16.07
N TYR A 258 -5.09 9.97 -16.98
CA TYR A 258 -3.94 9.23 -16.54
C TYR A 258 -3.03 10.14 -15.72
N LYS A 259 -2.75 11.31 -16.27
CA LYS A 259 -1.80 12.20 -15.63
C LYS A 259 -2.31 12.62 -14.27
N LEU A 260 -3.59 12.90 -14.18
CA LEU A 260 -4.13 13.36 -12.92
C LEU A 260 -3.98 12.30 -11.84
N LEU A 261 -4.31 11.07 -12.17
CA LEU A 261 -4.20 9.99 -11.20
C LEU A 261 -2.75 9.68 -10.88
N ASP A 262 -1.93 9.65 -11.92
CA ASP A 262 -0.51 9.47 -11.73
C ASP A 262 0.04 10.47 -10.74
N ASP A 263 -0.29 11.74 -10.94
CA ASP A 263 0.23 12.76 -10.08
C ASP A 263 -0.34 12.67 -8.64
N ALA A 264 -1.60 12.21 -8.50
CA ALA A 264 -2.16 11.95 -7.15
C ALA A 264 -1.43 10.85 -6.44
N PHE A 265 -1.10 9.76 -7.15
CA PHE A 265 -0.26 8.73 -6.53
C PHE A 265 1.11 9.22 -6.19
N THR A 266 1.67 10.10 -7.01
CA THR A 266 2.95 10.69 -6.69
C THR A 266 2.88 11.53 -5.42
N ARG A 267 1.80 12.28 -5.32
CA ARG A 267 1.55 13.11 -4.14
C ARG A 267 1.53 12.30 -2.85
N ILE A 268 0.90 11.12 -2.87
CA ILE A 268 0.88 10.24 -1.66
C ILE A 268 1.99 9.21 -1.69
N ASP A 269 2.88 9.25 -2.68
CA ASP A 269 4.02 8.32 -2.80
C ASP A 269 3.63 6.83 -2.72
N ILE A 270 2.57 6.45 -3.42
CA ILE A 270 2.19 5.02 -3.52
C ILE A 270 2.36 4.67 -5.00
N LYS A 271 3.48 4.03 -5.33
CA LYS A 271 3.87 3.80 -6.71
C LYS A 271 4.25 2.37 -6.98
N ARG A 272 4.84 1.68 -5.99
CA ARG A 272 5.39 0.33 -6.24
C ARG A 272 4.51 -0.78 -5.70
N ASN A 273 4.48 -1.93 -6.43
CA ASN A 273 3.95 -3.18 -5.88
C ASN A 273 4.89 -3.62 -4.78
N ASN A 274 4.35 -4.29 -3.75
CA ASN A 274 5.23 -5.08 -2.87
C ASN A 274 5.71 -6.27 -3.67
N CYS A 275 6.78 -6.84 -3.20
CA CYS A 275 7.47 -7.81 -4.04
C CYS A 275 6.63 -9.04 -4.32
N PHE A 276 5.71 -9.35 -3.41
CA PHE A 276 4.90 -10.55 -3.57
C PHE A 276 3.69 -10.33 -4.47
N SER A 277 3.02 -9.21 -4.31
CA SER A 277 1.99 -8.82 -5.21
C SER A 277 2.43 -8.83 -6.68
N LEU A 278 3.65 -8.34 -6.91
CA LEU A 278 4.17 -8.27 -8.27
C LEU A 278 4.15 -9.63 -8.95
N VAL A 279 4.72 -10.60 -8.26
CA VAL A 279 4.85 -11.93 -8.88
C VAL A 279 3.55 -12.70 -8.91
N ALA A 280 2.71 -12.52 -7.88
CA ALA A 280 1.40 -13.21 -7.83
C ALA A 280 0.46 -12.73 -8.91
N THR A 281 0.46 -11.42 -9.18
CA THR A 281 -0.46 -10.88 -10.16
C THR A 281 -0.16 -11.44 -11.56
N GLU A 282 1.13 -11.46 -11.93
CA GLU A 282 1.52 -11.92 -13.23
C GLU A 282 1.28 -13.43 -13.33
N ALA A 283 1.55 -14.15 -12.24
CA ALA A 283 1.31 -15.59 -12.23
C ALA A 283 -0.18 -15.94 -12.34
N SER A 284 -1.02 -15.21 -11.61
CA SER A 284 -2.47 -15.45 -11.64
CA SER A 284 -2.49 -15.34 -11.61
C SER A 284 -3.01 -15.27 -13.06
N TYR A 285 -2.63 -14.20 -13.73
CA TYR A 285 -3.21 -13.96 -15.05
C TYR A 285 -2.61 -14.86 -16.11
N ASN A 286 -1.30 -15.07 -16.02
CA ASN A 286 -0.64 -15.92 -17.01
C ASN A 286 -0.94 -17.41 -16.86
N ASN A 287 -1.10 -17.89 -15.63
CA ASN A 287 -1.20 -19.37 -15.39
C ASN A 287 -2.46 -19.80 -14.67
N GLY A 288 -3.25 -18.87 -14.17
CA GLY A 288 -4.39 -19.19 -13.28
C GLY A 288 -5.70 -19.52 -13.94
N GLU A 289 -5.77 -19.49 -15.27
CA GLU A 289 -7.03 -19.72 -15.96
C GLU A 289 -7.70 -21.07 -15.63
N SER A 290 -6.90 -22.15 -15.59
CA SER A 290 -7.49 -23.45 -15.32
CA SER A 290 -7.43 -23.49 -15.29
C SER A 290 -8.07 -23.54 -13.90
N TRP A 291 -7.36 -23.03 -12.93
CA TRP A 291 -7.89 -22.88 -11.57
C TRP A 291 -9.16 -22.04 -11.54
N LEU A 292 -9.17 -20.90 -12.26
CA LEU A 292 -10.34 -20.11 -12.26
C LEU A 292 -11.58 -20.84 -12.86
N GLU A 293 -11.39 -21.57 -13.95
CA GLU A 293 -12.52 -22.26 -14.55
C GLU A 293 -13.05 -23.33 -13.57
N SER A 294 -12.14 -24.01 -12.88
CA SER A 294 -12.53 -25.05 -11.90
CA SER A 294 -12.51 -25.04 -11.91
C SER A 294 -13.24 -24.43 -10.70
N PHE A 295 -12.77 -23.25 -10.23
CA PHE A 295 -13.39 -22.55 -9.14
C PHE A 295 -14.81 -22.16 -9.57
N LEU A 296 -15.00 -21.70 -10.81
CA LEU A 296 -16.32 -21.22 -11.23
C LEU A 296 -17.31 -22.36 -11.32
N GLU A 297 -16.84 -23.53 -11.68
CA GLU A 297 -17.70 -24.74 -11.62
C GLU A 297 -18.13 -25.12 -10.18
N TYR A 298 -17.15 -25.06 -9.28
CA TYR A 298 -17.41 -25.31 -7.87
C TYR A 298 -18.39 -24.29 -7.28
N LEU A 299 -18.20 -23.00 -7.61
CA LEU A 299 -19.04 -21.96 -7.11
C LEU A 299 -20.44 -22.12 -7.60
N GLU A 300 -20.60 -22.39 -8.89
CA GLU A 300 -21.95 -22.51 -9.40
C GLU A 300 -22.69 -23.69 -8.77
N SER A 301 -21.97 -24.76 -8.52
CA SER A 301 -22.60 -25.86 -7.80
C SER A 301 -23.01 -25.49 -6.38
N ASN A 302 -22.12 -24.80 -5.65
CA ASN A 302 -22.48 -24.23 -4.31
C ASN A 302 -23.76 -23.37 -4.38
N ILE A 303 -23.81 -22.49 -5.40
CA ILE A 303 -24.96 -21.58 -5.56
C ILE A 303 -26.25 -22.37 -5.77
N ASP A 304 -26.19 -23.32 -6.67
CA ASP A 304 -27.35 -24.18 -6.96
C ASP A 304 -27.77 -24.99 -5.71
N PHE A 305 -26.79 -25.50 -4.97
CA PHE A 305 -27.05 -26.23 -3.72
C PHE A 305 -27.73 -25.34 -2.69
N ALA A 306 -27.23 -24.10 -2.53
CA ALA A 306 -27.77 -23.19 -1.55
C ALA A 306 -29.17 -22.77 -1.86
N ILE A 307 -29.44 -22.48 -3.12
CA ILE A 307 -30.77 -22.07 -3.52
C ILE A 307 -31.76 -23.20 -3.35
N LYS A 308 -31.37 -24.42 -3.73
CA LYS A 308 -32.23 -25.60 -3.52
C LYS A 308 -32.50 -25.80 -2.01
N TYR A 309 -31.45 -25.70 -1.20
CA TYR A 309 -31.59 -25.84 0.24
C TYR A 309 -32.53 -24.81 0.83
N ILE A 310 -32.37 -23.54 0.43
CA ILE A 310 -33.23 -22.46 0.95
C ILE A 310 -34.68 -22.69 0.52
N ASN A 311 -34.89 -23.03 -0.75
CA ASN A 311 -36.25 -23.21 -1.26
C ASN A 311 -36.96 -24.39 -0.64
N GLU A 312 -36.22 -25.44 -0.33
CA GLU A 312 -36.76 -26.63 0.33
C GLU A 312 -36.93 -26.47 1.85
N ASN A 313 -35.94 -25.85 2.50
CA ASN A 313 -35.89 -25.86 3.97
C ASN A 313 -36.22 -24.53 4.63
N MET A 314 -36.10 -23.42 3.90
CA MET A 314 -36.44 -22.05 4.41
C MET A 314 -37.28 -21.28 3.40
N PRO A 315 -38.50 -21.79 3.11
CA PRO A 315 -39.25 -21.27 1.97
C PRO A 315 -39.80 -19.86 2.15
N LYS A 316 -39.80 -19.35 3.37
CA LYS A 316 -40.14 -17.94 3.60
C LYS A 316 -39.07 -16.97 3.06
N LEU A 317 -37.83 -17.45 2.92
CA LEU A 317 -36.76 -16.64 2.36
C LEU A 317 -36.89 -16.66 0.83
N LYS A 318 -36.41 -15.60 0.22
CA LYS A 318 -36.45 -15.46 -1.23
C LYS A 318 -35.04 -15.10 -1.75
N VAL A 319 -34.65 -15.71 -2.85
CA VAL A 319 -33.28 -15.61 -3.37
C VAL A 319 -33.36 -15.81 -4.89
N ARG A 320 -32.71 -14.92 -5.63
CA ARG A 320 -32.51 -15.01 -7.07
C ARG A 320 -31.07 -15.44 -7.32
N LYS A 321 -30.85 -16.39 -8.20
CA LYS A 321 -29.47 -16.87 -8.50
C LYS A 321 -28.67 -15.67 -9.08
N PRO A 322 -27.50 -15.39 -8.52
CA PRO A 322 -26.69 -14.30 -9.09
C PRO A 322 -26.14 -14.66 -10.44
N GLU A 323 -25.87 -13.66 -11.26
CA GLU A 323 -25.24 -13.80 -12.55
C GLU A 323 -23.71 -13.75 -12.45
N GLY A 324 -23.22 -13.09 -11.41
CA GLY A 324 -21.80 -13.00 -11.10
C GLY A 324 -21.58 -12.67 -9.65
N THR A 325 -20.29 -12.63 -9.27
CA THR A 325 -19.82 -12.64 -7.90
C THR A 325 -20.05 -14.02 -7.25
N TYR A 326 -19.43 -14.19 -6.09
CA TYR A 326 -19.70 -15.36 -5.27
C TYR A 326 -20.55 -15.11 -4.08
N LEU A 327 -21.36 -14.06 -4.16
CA LEU A 327 -22.11 -13.50 -3.06
C LEU A 327 -23.59 -13.71 -3.33
N LEU A 328 -24.30 -14.21 -2.35
CA LEU A 328 -25.70 -14.54 -2.46
C LEU A 328 -26.51 -13.50 -1.67
N TRP A 329 -27.58 -12.99 -2.27
CA TRP A 329 -28.39 -11.91 -1.74
C TRP A 329 -29.74 -12.45 -1.40
N VAL A 330 -30.00 -12.61 -0.10
CA VAL A 330 -31.17 -13.36 0.35
C VAL A 330 -32.11 -12.45 1.14
N ASP A 331 -33.39 -12.43 0.73
CA ASP A 331 -34.41 -11.62 1.34
C ASP A 331 -35.07 -12.41 2.48
N PHE A 332 -34.93 -11.86 3.69
CA PHE A 332 -35.52 -12.39 4.92
C PHE A 332 -36.77 -11.65 5.37
N SER A 333 -37.26 -10.71 4.56
CA SER A 333 -38.30 -9.81 5.02
C SER A 333 -39.62 -10.52 5.37
N ALA A 334 -39.89 -11.67 4.77
CA ALA A 334 -41.17 -12.38 5.03
C ALA A 334 -41.24 -12.91 6.46
N LEU A 335 -40.14 -12.93 7.19
CA LEU A 335 -40.12 -13.30 8.64
C LEU A 335 -40.73 -12.22 9.55
N GLY A 336 -40.92 -11.02 9.00
CA GLY A 336 -41.51 -9.92 9.76
C GLY A 336 -40.69 -9.37 10.91
N LEU A 337 -39.37 -9.56 10.85
CA LEU A 337 -38.46 -9.02 11.86
C LEU A 337 -37.93 -7.68 11.35
N SER A 338 -37.61 -6.80 12.30
CA SER A 338 -36.82 -5.63 11.97
C SER A 338 -35.41 -6.09 11.62
N ASP A 339 -34.68 -5.22 10.95
CA ASP A 339 -33.30 -5.47 10.58
C ASP A 339 -32.48 -5.75 11.83
N GLU A 340 -32.71 -4.96 12.88
CA GLU A 340 -32.00 -5.17 14.14
C GLU A 340 -32.30 -6.55 14.77
N GLU A 341 -33.58 -6.94 14.75
CA GLU A 341 -34.01 -8.24 15.31
C GLU A 341 -33.38 -9.41 14.53
N LEU A 342 -33.36 -9.27 13.21
CA LEU A 342 -32.77 -10.30 12.33
C LEU A 342 -31.27 -10.45 12.58
N GLU A 343 -30.56 -9.35 12.65
CA GLU A 343 -29.13 -9.43 12.94
C GLU A 343 -28.90 -10.17 14.28
N SER A 344 -29.72 -9.82 15.28
CA SER A 344 -29.61 -10.42 16.61
C SER A 344 -29.79 -11.94 16.59
N ILE A 345 -30.86 -12.44 15.94
CA ILE A 345 -31.09 -13.88 15.94
C ILE A 345 -30.04 -14.63 15.12
N LEU A 346 -29.54 -14.04 14.03
CA LEU A 346 -28.51 -14.74 13.25
C LEU A 346 -27.24 -14.91 14.10
N VAL A 347 -26.85 -13.84 14.79
CA VAL A 347 -25.65 -13.88 15.64
C VAL A 347 -25.85 -14.72 16.91
N GLN A 348 -26.95 -14.46 17.64
CA GLN A 348 -27.15 -15.02 18.99
C GLN A 348 -27.61 -16.45 18.91
N LYS A 349 -28.56 -16.72 18.03
CA LYS A 349 -29.17 -18.04 17.88
C LYS A 349 -28.53 -18.90 16.80
N GLY A 350 -28.36 -18.35 15.60
CA GLY A 350 -27.63 -19.07 14.55
C GLY A 350 -26.14 -19.25 14.77
N LYS A 351 -25.52 -18.26 15.40
CA LYS A 351 -24.06 -18.16 15.51
C LYS A 351 -23.40 -18.15 14.11
N VAL A 352 -23.91 -17.29 13.26
CA VAL A 352 -23.41 -17.18 11.90
C VAL A 352 -23.30 -15.70 11.56
N ALA A 353 -22.24 -15.35 10.81
CA ALA A 353 -21.93 -13.97 10.46
C ALA A 353 -22.18 -13.73 8.98
N LEU A 354 -23.26 -13.03 8.66
CA LEU A 354 -23.58 -12.61 7.31
C LEU A 354 -23.42 -11.09 7.22
N ASN A 355 -23.40 -10.56 6.00
CA ASN A 355 -23.37 -9.08 5.86
C ASN A 355 -24.77 -8.54 5.91
N GLN A 356 -25.06 -7.68 6.87
CA GLN A 356 -26.39 -7.10 6.99
C GLN A 356 -26.77 -6.29 5.73
N GLY A 357 -27.92 -6.54 5.18
CA GLY A 357 -28.39 -5.84 4.00
C GLY A 357 -28.43 -4.34 4.10
N ASN A 358 -28.81 -3.82 5.25
CA ASN A 358 -28.93 -2.40 5.34
C ASN A 358 -27.59 -1.66 5.22
N SER A 359 -26.47 -2.37 5.45
CA SER A 359 -25.17 -1.76 5.27
C SER A 359 -24.87 -1.33 3.83
N PHE A 360 -25.63 -1.90 2.87
CA PHE A 360 -25.51 -1.56 1.44
C PHE A 360 -26.39 -0.38 1.00
N GLY A 361 -27.10 0.25 1.94
CA GLY A 361 -27.87 1.44 1.62
C GLY A 361 -29.29 1.13 1.22
N ILE A 362 -29.84 2.03 0.41
CA ILE A 362 -31.26 1.98 0.07
C ILE A 362 -31.54 0.67 -0.64
N GLY A 363 -32.59 -0.02 -0.22
CA GLY A 363 -32.95 -1.27 -0.84
C GLY A 363 -32.32 -2.46 -0.16
N GLY A 364 -31.44 -2.25 0.81
CA GLY A 364 -30.87 -3.40 1.52
C GLY A 364 -31.68 -3.92 2.68
N SER A 365 -32.63 -3.12 3.20
CA SER A 365 -33.38 -3.56 4.38
C SER A 365 -34.03 -4.91 4.13
N GLY A 366 -33.92 -5.81 5.11
CA GLY A 366 -34.56 -7.10 5.01
C GLY A 366 -33.69 -8.16 4.36
N TYR A 367 -32.55 -7.77 3.76
CA TYR A 367 -31.66 -8.70 3.08
C TYR A 367 -30.45 -9.03 3.95
N GLN A 368 -29.80 -10.14 3.63
CA GLN A 368 -28.46 -10.47 4.10
C GLN A 368 -27.67 -11.01 2.92
N ARG A 369 -26.39 -10.69 2.92
CA ARG A 369 -25.42 -11.21 1.95
C ARG A 369 -24.54 -12.33 2.51
N ILE A 370 -24.51 -13.41 1.73
CA ILE A 370 -23.85 -14.65 2.11
C ILE A 370 -22.71 -14.97 1.11
N ASN A 371 -21.52 -15.16 1.67
CA ASN A 371 -20.33 -15.54 0.92
C ASN A 371 -20.24 -17.04 0.65
N LEU A 372 -20.35 -17.44 -0.62
CA LEU A 372 -20.36 -18.87 -1.00
C LEU A 372 -19.05 -19.41 -1.49
N ALA A 373 -17.97 -18.66 -1.38
CA ALA A 373 -16.63 -19.11 -1.82
C ALA A 373 -15.99 -19.82 -0.66
N CYS A 374 -16.55 -21.00 -0.35
CA CYS A 374 -16.06 -21.79 0.77
C CYS A 374 -16.37 -23.27 0.47
N PRO A 375 -15.75 -24.20 1.17
CA PRO A 375 -16.09 -25.61 0.92
C PRO A 375 -17.57 -25.89 1.10
N ARG A 376 -18.10 -26.86 0.31
CA ARG A 376 -19.45 -27.31 0.47
C ARG A 376 -19.84 -27.60 1.89
N SER A 377 -18.95 -28.32 2.62
CA SER A 377 -19.21 -28.68 4.00
C SER A 377 -19.52 -27.43 4.88
N MET A 378 -18.73 -26.36 4.67
CA MET A 378 -18.88 -25.14 5.46
C MET A 378 -20.17 -24.41 5.06
N LEU A 379 -20.46 -24.40 3.78
CA LEU A 379 -21.71 -23.84 3.27
C LEU A 379 -22.93 -24.53 3.84
N GLU A 380 -22.90 -25.86 3.83
CA GLU A 380 -23.99 -26.65 4.48
C GLU A 380 -24.17 -26.25 5.94
N GLU A 381 -23.07 -26.17 6.69
CA GLU A 381 -23.14 -25.79 8.06
C GLU A 381 -23.72 -24.41 8.23
N ALA A 382 -23.35 -23.51 7.34
CA ALA A 382 -23.89 -22.15 7.42
C ALA A 382 -25.39 -22.13 7.20
N LEU A 383 -25.86 -22.91 6.26
CA LEU A 383 -27.32 -22.94 5.95
C LEU A 383 -28.11 -23.57 7.10
N ILE A 384 -27.53 -24.60 7.74
CA ILE A 384 -28.14 -25.21 8.91
C ILE A 384 -28.26 -24.23 10.09
N ARG A 385 -27.22 -23.40 10.26
CA ARG A 385 -27.23 -22.32 11.28
C ARG A 385 -28.29 -21.25 11.01
N ILE A 386 -28.45 -20.88 9.74
CA ILE A 386 -29.42 -19.88 9.37
C ILE A 386 -30.80 -20.45 9.63
N LYS A 387 -31.02 -21.71 9.26
CA LYS A 387 -32.33 -22.37 9.52
C LYS A 387 -32.62 -22.42 11.05
N ASN A 388 -31.60 -22.70 11.85
CA ASN A 388 -31.79 -22.65 13.30
C ASN A 388 -32.15 -21.24 13.78
N ALA A 389 -31.44 -20.23 13.28
CA ALA A 389 -31.71 -18.86 13.66
C ALA A 389 -33.16 -18.45 13.44
N ILE A 390 -33.77 -18.90 12.33
CA ILE A 390 -35.07 -18.33 11.92
C ILE A 390 -36.23 -19.22 12.33
N ASN A 391 -35.90 -20.31 13.04
CA ASN A 391 -36.86 -21.28 13.58
C ASN A 391 -36.62 -21.41 15.07
N MET B 4 27.77 -13.66 16.54
CA MET B 4 26.89 -14.27 15.49
C MET B 4 27.37 -13.80 14.11
N ASN B 5 27.38 -14.74 13.16
CA ASN B 5 27.84 -14.46 11.78
C ASN B 5 26.81 -14.91 10.77
N TYR B 6 26.53 -14.00 9.83
CA TYR B 6 25.50 -14.21 8.81
C TYR B 6 26.00 -14.14 7.36
N ASN B 7 27.31 -14.22 7.15
CA ASN B 7 27.88 -14.29 5.80
C ASN B 7 27.52 -13.08 4.90
N PHE B 8 27.67 -11.87 5.44
CA PHE B 8 27.47 -10.68 4.65
C PHE B 8 28.46 -10.58 3.47
N ASN B 9 29.56 -11.29 3.47
CA ASN B 9 30.52 -11.30 2.33
C ASN B 9 29.95 -12.01 1.08
N GLU B 10 28.91 -12.82 1.24
CA GLU B 10 28.32 -13.59 0.13
C GLU B 10 27.87 -12.71 -1.02
N ILE B 11 28.24 -12.99 -2.25
CA ILE B 11 27.62 -12.28 -3.39
C ILE B 11 26.17 -12.76 -3.61
N VAL B 12 25.17 -11.87 -3.62
CA VAL B 12 23.80 -12.31 -3.95
C VAL B 12 23.32 -11.51 -5.17
N ASP B 13 23.36 -12.15 -6.32
CA ASP B 13 23.03 -11.48 -7.55
C ASP B 13 21.52 -11.13 -7.50
N ARG B 14 21.22 -9.90 -7.87
CA ARG B 14 19.84 -9.43 -7.82
C ARG B 14 19.32 -9.11 -9.21
N SER B 15 20.03 -9.61 -10.23
CA SER B 15 19.58 -9.42 -11.59
C SER B 15 18.19 -10.03 -11.82
N ASN B 16 17.81 -11.10 -11.11
CA ASN B 16 16.48 -11.75 -11.21
C ASN B 16 15.47 -11.42 -10.06
N ASN B 17 15.81 -10.43 -9.26
CA ASN B 17 15.15 -10.14 -7.98
C ASN B 17 14.17 -8.97 -8.11
N PHE B 18 13.87 -8.56 -9.34
CA PHE B 18 12.91 -7.48 -9.57
C PHE B 18 13.23 -6.23 -8.74
N SER B 19 14.51 -5.94 -8.70
CA SER B 19 15.03 -4.87 -7.88
C SER B 19 15.12 -3.57 -8.66
N SER B 20 14.56 -2.49 -8.14
CA SER B 20 14.74 -1.20 -8.78
C SER B 20 16.16 -0.68 -8.75
N LYS B 21 16.89 -1.00 -7.68
CA LYS B 21 18.31 -0.66 -7.58
C LYS B 21 19.09 -1.19 -8.78
N TRP B 22 18.85 -2.47 -9.13
CA TRP B 22 19.50 -3.12 -10.25
C TRP B 22 18.88 -2.98 -11.61
N SER B 23 17.61 -2.55 -11.67
CA SER B 23 16.83 -2.51 -12.90
C SER B 23 16.32 -1.18 -13.42
N GLU B 24 16.31 -0.15 -12.59
CA GLU B 24 15.78 1.17 -12.97
C GLU B 24 16.87 2.23 -13.17
N MET B 25 18.09 1.80 -13.38
CA MET B 25 19.13 2.77 -13.65
C MET B 25 19.02 3.44 -15.02
N GLU B 26 18.37 2.83 -16.01
CA GLU B 26 18.28 3.50 -17.35
C GLU B 26 17.54 4.84 -17.35
N LYS B 27 16.37 4.91 -16.73
CA LYS B 27 15.63 6.18 -16.68
C LYS B 27 16.49 7.29 -16.09
N LYS B 28 17.24 6.92 -15.06
CA LYS B 28 17.97 7.87 -14.26
C LYS B 28 19.33 8.22 -14.85
N TYR B 29 20.07 7.22 -15.30
CA TYR B 29 21.48 7.39 -15.63
C TYR B 29 21.69 7.22 -17.13
N GLY B 30 20.65 6.81 -17.86
CA GLY B 30 20.74 6.64 -19.32
C GLY B 30 21.17 5.26 -19.79
N THR B 31 21.53 4.41 -18.83
CA THR B 31 21.91 3.02 -19.05
C THR B 31 21.69 2.25 -17.78
N ASN B 32 21.52 0.94 -17.91
CA ASN B 32 21.39 0.04 -16.78
C ASN B 32 22.67 -0.76 -16.49
N ASP B 33 23.67 -0.57 -17.36
CA ASP B 33 24.91 -1.35 -17.26
CA ASP B 33 24.94 -1.30 -17.29
C ASP B 33 25.93 -0.60 -16.36
N LEU B 34 25.58 -0.52 -15.09
CA LEU B 34 26.35 0.17 -14.09
C LEU B 34 26.36 -0.63 -12.79
N LEU B 35 27.38 -0.44 -11.96
CA LEU B 35 27.41 -0.98 -10.61
C LEU B 35 26.56 -0.04 -9.70
N PRO B 36 25.49 -0.60 -9.11
CA PRO B 36 24.57 0.27 -8.38
C PRO B 36 24.99 0.48 -6.94
N MET B 37 25.08 1.74 -6.53
CA MET B 37 25.40 2.12 -5.15
C MET B 37 24.54 3.30 -4.76
N TRP B 38 23.32 3.30 -5.26
CA TRP B 38 22.47 4.49 -5.16
C TRP B 38 21.31 4.30 -4.19
N VAL B 39 20.19 3.75 -4.68
CA VAL B 39 18.96 3.44 -3.91
C VAL B 39 19.28 2.88 -2.56
N ALA B 40 18.66 3.37 -1.50
CA ALA B 40 18.88 2.84 -0.13
C ALA B 40 18.04 1.60 0.14
N ASP B 41 18.50 0.48 -0.44
CA ASP B 41 18.17 -0.83 0.10
C ASP B 41 19.48 -1.59 0.06
N MET B 42 19.53 -2.76 0.67
CA MET B 42 20.82 -3.44 0.88
C MET B 42 20.97 -4.59 -0.09
N ASP B 43 22.21 -4.93 -0.45
CA ASP B 43 22.48 -6.11 -1.22
C ASP B 43 22.87 -7.26 -0.27
N PHE B 44 22.05 -7.46 0.74
CA PHE B 44 22.21 -8.51 1.72
C PHE B 44 20.87 -9.25 1.85
N LYS B 45 20.93 -10.52 2.14
CA LYS B 45 19.72 -11.28 2.46
C LYS B 45 19.13 -10.77 3.75
N ALA B 46 17.80 -10.84 3.83
CA ALA B 46 17.07 -10.52 5.05
C ALA B 46 17.45 -11.48 6.15
N ALA B 47 17.27 -11.06 7.37
CA ALA B 47 17.58 -11.91 8.53
C ALA B 47 16.88 -13.25 8.45
N PRO B 48 17.55 -14.30 8.91
CA PRO B 48 16.85 -15.56 8.83
C PRO B 48 15.51 -15.67 9.50
N CYS B 49 15.31 -15.03 10.64
CA CYS B 49 14.00 -14.97 11.27
C CYS B 49 12.90 -14.33 10.41
N ILE B 50 13.28 -13.34 9.60
CA ILE B 50 12.35 -12.78 8.63
C ILE B 50 11.97 -13.76 7.55
N ILE B 51 13.00 -14.45 7.01
CA ILE B 51 12.75 -15.36 5.92
C ILE B 51 11.85 -16.47 6.43
N ASP B 52 12.15 -16.99 7.64
CA ASP B 52 11.34 -18.08 8.09
C ASP B 52 9.91 -17.65 8.42
N SER B 53 9.70 -16.40 8.91
CA SER B 53 8.34 -15.90 9.17
C SER B 53 7.48 -15.82 7.85
N LEU B 54 8.15 -15.38 6.77
CA LEU B 54 7.55 -15.40 5.46
C LEU B 54 7.18 -16.77 4.98
N LYS B 55 8.10 -17.72 5.17
CA LYS B 55 7.89 -19.19 4.84
C LYS B 55 6.71 -19.78 5.55
N ASN B 56 6.63 -19.54 6.85
CA ASN B 56 5.51 -20.04 7.61
C ASN B 56 4.21 -19.42 7.11
N ARG B 57 4.24 -18.13 6.81
CA ARG B 57 3.01 -17.55 6.35
C ARG B 57 2.64 -18.04 4.95
N LEU B 58 3.62 -18.11 4.06
CA LEU B 58 3.37 -18.61 2.73
C LEU B 58 2.69 -19.97 2.75
N GLU B 59 3.25 -20.87 3.59
CA GLU B 59 2.81 -22.28 3.64
C GLU B 59 1.38 -22.48 4.19
N GLN B 60 0.79 -21.42 4.72
CA GLN B 60 -0.68 -21.38 5.02
C GLN B 60 -1.57 -21.40 3.77
N GLU B 61 -1.03 -20.90 2.66
CA GLU B 61 -1.61 -20.97 1.33
C GLU B 61 -2.93 -20.22 1.08
N ILE B 62 -3.35 -19.33 2.01
CA ILE B 62 -4.51 -18.45 1.78
C ILE B 62 -4.04 -17.05 2.09
N TYR B 63 -4.31 -16.15 1.17
CA TYR B 63 -3.75 -14.81 1.24
C TYR B 63 -4.87 -13.76 1.16
N GLY B 64 -5.84 -13.85 2.05
CA GLY B 64 -6.98 -12.92 2.07
C GLY B 64 -6.74 -11.73 2.96
N TYR B 65 -7.84 -11.01 3.26
CA TYR B 65 -7.68 -9.82 4.06
C TYR B 65 -7.11 -10.03 5.42
N THR B 66 -6.07 -9.25 5.76
CA THR B 66 -5.25 -9.46 6.91
C THR B 66 -5.60 -8.58 8.10
N THR B 67 -5.83 -9.23 9.26
CA THR B 67 -6.01 -8.56 10.50
C THR B 67 -4.66 -8.24 11.16
N ARG B 68 -4.66 -7.21 12.00
CA ARG B 68 -3.47 -6.79 12.73
C ARG B 68 -3.62 -7.21 14.19
N PRO B 69 -3.03 -8.34 14.56
CA PRO B 69 -3.17 -8.82 15.94
C PRO B 69 -2.47 -7.86 16.91
N ASP B 70 -2.90 -7.86 18.18
CA ASP B 70 -2.23 -7.05 19.21
C ASP B 70 -0.71 -7.22 19.22
N SER B 71 -0.24 -8.44 18.98
CA SER B 71 1.20 -8.77 18.96
C SER B 71 2.07 -7.94 18.03
N TYR B 72 1.47 -7.45 16.94
CA TYR B 72 2.14 -6.58 15.99
C TYR B 72 2.58 -5.27 16.58
N ASN B 73 1.63 -4.49 17.11
CA ASN B 73 2.00 -3.23 17.70
C ASN B 73 2.77 -3.42 19.01
N GLU B 74 2.50 -4.52 19.72
CA GLU B 74 3.31 -4.86 20.90
C GLU B 74 4.79 -5.04 20.56
N SER B 75 5.07 -5.63 19.40
CA SER B 75 6.46 -5.78 18.97
C SER B 75 7.15 -4.43 18.79
N ILE B 76 6.37 -3.48 18.25
CA ILE B 76 6.86 -2.10 17.99
C ILE B 76 7.05 -1.33 19.33
N VAL B 77 6.08 -1.39 20.21
CA VAL B 77 6.25 -0.78 21.55
C VAL B 77 7.47 -1.31 22.25
N ASN B 78 7.66 -2.63 22.23
CA ASN B 78 8.77 -3.24 22.93
C ASN B 78 10.12 -2.90 22.32
N TRP B 79 10.14 -2.81 20.99
CA TRP B 79 11.34 -2.34 20.31
C TRP B 79 11.73 -0.95 20.69
N LEU B 80 10.79 -0.02 20.66
CA LEU B 80 11.10 1.38 20.95
C LEU B 80 11.60 1.52 22.41
N TYR B 81 11.03 0.75 23.33
CA TYR B 81 11.52 0.83 24.71
C TYR B 81 12.88 0.22 24.88
N ARG B 82 13.09 -0.99 24.40
CA ARG B 82 14.38 -1.60 24.65
C ARG B 82 15.55 -1.07 23.83
N ARG B 83 15.30 -0.56 22.62
CA ARG B 83 16.37 0.00 21.79
C ARG B 83 16.61 1.48 22.08
N HIS B 84 15.53 2.22 22.30
CA HIS B 84 15.61 3.72 22.38
C HIS B 84 15.25 4.28 23.74
N ASN B 85 14.86 3.44 24.67
CA ASN B 85 14.41 3.84 26.03
C ASN B 85 13.25 4.84 25.90
N TRP B 86 12.39 4.58 24.92
CA TRP B 86 11.25 5.46 24.69
C TRP B 86 10.00 4.61 24.92
N LYS B 87 9.24 4.93 25.96
CA LYS B 87 7.99 4.22 26.26
C LYS B 87 6.84 4.93 25.53
N ILE B 88 6.25 4.24 24.58
CA ILE B 88 5.03 4.72 23.94
C ILE B 88 3.84 3.82 24.32
N LYS B 89 2.65 4.25 23.89
CA LYS B 89 1.42 3.49 24.01
C LYS B 89 1.05 2.91 22.67
N SER B 90 0.62 1.66 22.63
CA SER B 90 0.22 1.03 21.38
C SER B 90 -0.88 1.86 20.72
N GLU B 91 -1.70 2.51 21.55
CA GLU B 91 -2.81 3.31 21.04
C GLU B 91 -2.38 4.53 20.22
N TRP B 92 -1.09 4.89 20.28
CA TRP B 92 -0.60 6.00 19.46
C TRP B 92 -0.21 5.62 18.07
N LEU B 93 -0.21 4.33 17.72
CA LEU B 93 0.36 3.85 16.45
C LEU B 93 -0.63 3.78 15.32
N ILE B 94 -0.23 4.29 14.14
CA ILE B 94 -1.04 4.19 12.92
C ILE B 94 -0.12 3.53 11.86
N TYR B 95 -0.67 2.49 11.22
CA TYR B 95 -0.03 1.84 10.06
C TYR B 95 0.00 2.76 8.87
N SER B 96 1.12 2.70 8.15
CA SER B 96 1.20 3.34 6.84
C SER B 96 2.08 2.40 5.93
N PRO B 97 1.76 2.32 4.63
CA PRO B 97 2.61 1.54 3.71
C PRO B 97 4.03 2.11 3.59
N GLY B 98 4.22 3.36 3.97
CA GLY B 98 5.54 4.03 3.94
C GLY B 98 5.51 5.35 4.65
N VAL B 99 6.70 5.84 4.93
CA VAL B 99 6.87 7.12 5.59
C VAL B 99 6.33 8.28 4.76
N ILE B 100 6.68 8.38 3.48
CA ILE B 100 6.25 9.58 2.74
C ILE B 100 4.74 9.57 2.59
N PRO B 101 4.08 8.44 2.38
CA PRO B 101 2.63 8.50 2.37
C PRO B 101 2.04 9.12 3.63
N ALA B 102 2.52 8.74 4.80
CA ALA B 102 2.06 9.27 6.07
C ALA B 102 2.34 10.77 6.12
N ILE B 103 3.54 11.19 5.76
CA ILE B 103 3.90 12.63 5.87
C ILE B 103 3.05 13.39 4.90
N SER B 104 2.79 12.80 3.73
CA SER B 104 1.92 13.48 2.74
C SER B 104 0.50 13.73 3.32
N LEU B 105 -0.14 12.73 3.92
CA LEU B 105 -1.47 12.88 4.51
C LEU B 105 -1.40 13.85 5.69
N LEU B 106 -0.35 13.85 6.50
CA LEU B 106 -0.24 14.76 7.62
C LEU B 106 -0.26 16.24 7.14
N ILE B 107 0.46 16.49 6.05
CA ILE B 107 0.61 17.83 5.49
C ILE B 107 -0.78 18.26 5.09
N ASN B 108 -1.51 17.36 4.44
CA ASN B 108 -2.86 17.74 3.95
C ASN B 108 -3.80 18.05 5.10
N GLU B 109 -3.69 17.31 6.20
CA GLU B 109 -4.66 17.44 7.29
C GLU B 109 -4.27 18.51 8.32
N LEU B 110 -2.99 18.75 8.48
CA LEU B 110 -2.49 19.62 9.55
C LEU B 110 -2.23 21.05 9.06
N THR B 111 -2.31 21.28 7.77
CA THR B 111 -2.08 22.64 7.21
C THR B 111 -3.03 22.84 6.08
N LYS B 112 -3.17 24.10 5.66
CA LYS B 112 -3.95 24.42 4.50
C LYS B 112 -3.05 24.83 3.32
N ALA B 113 -3.65 24.87 2.14
CA ALA B 113 -2.94 25.24 0.94
C ALA B 113 -2.11 26.49 1.14
N ASN B 114 -0.90 26.48 0.60
CA ASN B 114 0.10 27.53 0.68
C ASN B 114 0.70 27.84 2.04
N ASP B 115 0.29 27.11 3.08
CA ASP B 115 1.01 27.17 4.35
C ASP B 115 2.49 26.78 4.19
N LYS B 116 3.30 27.43 5.00
CA LYS B 116 4.75 27.22 5.05
C LYS B 116 5.18 26.00 5.88
N ILE B 117 6.06 25.22 5.25
CA ILE B 117 6.61 24.03 5.89
C ILE B 117 8.12 24.07 5.73
N MET B 118 8.83 23.88 6.81
CA MET B 118 10.31 23.96 6.82
C MET B 118 11.01 22.62 6.80
N ILE B 119 12.07 22.57 5.99
CA ILE B 119 12.98 21.42 5.98
C ILE B 119 14.40 21.96 6.03
N GLN B 120 15.34 21.05 6.26
CA GLN B 120 16.82 21.34 6.34
C GLN B 120 17.53 20.65 5.21
N GLU B 121 18.06 21.37 4.25
CA GLU B 121 18.82 20.73 3.14
C GLU B 121 20.33 20.83 3.37
N PRO B 122 21.11 19.87 2.81
CA PRO B 122 20.64 18.87 1.88
C PRO B 122 19.97 17.74 2.61
N VAL B 123 18.89 17.19 2.02
CA VAL B 123 18.09 16.14 2.68
C VAL B 123 17.35 15.32 1.63
N TYR B 124 17.05 14.08 2.04
CA TYR B 124 16.17 13.15 1.34
C TYR B 124 15.22 13.89 0.46
N SER B 125 15.31 13.67 -0.84
CA SER B 125 14.61 14.52 -1.79
C SER B 125 13.07 14.51 -1.69
N PRO B 126 12.46 13.41 -1.28
CA PRO B 126 10.98 13.47 -1.07
C PRO B 126 10.49 14.48 -0.08
N PHE B 127 11.34 15.01 0.81
CA PHE B 127 10.93 15.96 1.85
C PHE B 127 10.53 17.22 1.05
N ASN B 128 11.36 17.57 0.08
CA ASN B 128 11.11 18.76 -0.75
C ASN B 128 9.88 18.59 -1.63
N SER B 129 9.81 17.47 -2.32
CA SER B 129 8.71 17.22 -3.23
C SER B 129 7.36 17.01 -2.55
N VAL B 130 7.33 16.37 -1.39
CA VAL B 130 6.06 16.11 -0.74
C VAL B 130 5.35 17.42 -0.37
N VAL B 131 6.12 18.42 0.02
CA VAL B 131 5.57 19.74 0.35
C VAL B 131 5.04 20.36 -0.95
N LYS B 132 5.83 20.39 -2.00
CA LYS B 132 5.39 21.00 -3.28
C LYS B 132 4.22 20.27 -3.92
N ASN B 133 4.20 18.96 -3.88
CA ASN B 133 3.13 18.17 -4.48
C ASN B 133 1.81 18.28 -3.72
N ASN B 134 1.85 18.77 -2.48
CA ASN B 134 0.66 19.07 -1.67
C ASN B 134 0.31 20.57 -1.75
N ASN B 135 0.99 21.32 -2.61
CA ASN B 135 0.64 22.77 -2.78
C ASN B 135 0.78 23.55 -1.48
N ARG B 136 1.78 23.23 -0.71
CA ARG B 136 2.25 23.98 0.45
C ARG B 136 3.54 24.68 0.03
N GLU B 137 3.89 25.75 0.78
CA GLU B 137 5.09 26.54 0.51
C GLU B 137 6.28 25.99 1.27
N LEU B 138 7.33 25.64 0.54
CA LEU B 138 8.54 25.03 1.13
C LEU B 138 9.51 26.13 1.57
N ILE B 139 9.90 26.10 2.83
CA ILE B 139 10.93 26.95 3.40
C ILE B 139 12.11 26.06 3.71
N ILE B 140 13.29 26.43 3.20
CA ILE B 140 14.48 25.63 3.39
C ILE B 140 15.41 26.35 4.34
N SER B 141 15.73 25.74 5.48
CA SER B 141 16.83 26.21 6.32
C SER B 141 18.05 25.32 6.14
N PRO B 142 19.02 25.71 5.32
CA PRO B 142 20.12 24.79 5.03
C PRO B 142 20.89 24.46 6.33
N LEU B 143 21.29 23.19 6.43
CA LEU B 143 22.26 22.85 7.46
C LEU B 143 23.52 23.69 7.21
N GLN B 144 24.23 23.94 8.30
CA GLN B 144 25.51 24.69 8.21
C GLN B 144 26.62 23.68 8.13
N LYS B 145 27.43 23.75 7.09
CA LYS B 145 28.66 22.96 7.05
C LYS B 145 29.74 23.81 7.66
N LEU B 146 30.23 23.42 8.83
CA LEU B 146 31.29 24.14 9.52
C LEU B 146 32.63 24.04 8.81
N GLU B 147 33.53 24.99 9.11
CA GLU B 147 34.87 24.92 8.55
C GLU B 147 35.62 23.69 9.04
N ASN B 148 35.17 23.05 10.12
CA ASN B 148 35.84 21.78 10.52
C ASN B 148 35.36 20.61 9.71
N GLY B 149 34.45 20.82 8.73
CA GLY B 149 33.93 19.84 7.79
C GLY B 149 32.63 19.11 8.19
N ASN B 150 32.15 19.38 9.40
CA ASN B 150 30.97 18.70 9.95
CA ASN B 150 30.97 18.69 9.95
C ASN B 150 29.70 19.50 9.76
N TYR B 151 28.56 18.85 9.80
CA TYR B 151 27.28 19.57 9.65
C TYR B 151 26.55 19.78 10.98
N ILE B 152 25.99 20.97 11.17
CA ILE B 152 25.05 21.27 12.27
C ILE B 152 23.78 21.94 11.74
N MET B 153 22.76 22.01 12.58
CA MET B 153 21.63 22.86 12.25
C MET B 153 22.00 24.30 12.39
N ASP B 154 21.44 25.07 11.49
CA ASP B 154 21.61 26.55 11.48
C ASP B 154 20.49 27.23 12.27
N TYR B 155 20.63 27.31 13.59
CA TYR B 155 19.53 27.66 14.45
C TYR B 155 19.13 29.12 14.20
N GLU B 156 20.13 29.94 13.95
CA GLU B 156 19.88 31.36 13.68
C GLU B 156 19.04 31.48 12.41
N ASP B 157 19.39 30.71 11.38
CA ASP B 157 18.62 30.73 10.13
C ASP B 157 17.20 30.22 10.34
N ILE B 158 17.04 29.14 11.10
CA ILE B 158 15.70 28.59 11.41
C ILE B 158 14.88 29.70 12.06
N GLU B 159 15.41 30.37 13.06
CA GLU B 159 14.70 31.51 13.69
C GLU B 159 14.32 32.61 12.72
N ASN B 160 15.25 32.96 11.86
CA ASN B 160 15.02 34.02 10.87
C ASN B 160 13.91 33.70 9.86
N LYS B 161 13.62 32.43 9.66
CA LYS B 161 12.71 31.98 8.60
C LYS B 161 11.41 31.38 9.14
N ILE B 162 11.25 31.37 10.46
CA ILE B 162 10.22 30.58 11.15
C ILE B 162 8.84 31.20 11.14
N LYS B 163 8.78 32.47 10.80
CA LYS B 163 7.51 33.19 10.82
C LYS B 163 6.50 32.58 9.88
N ASP B 164 5.34 32.27 10.44
CA ASP B 164 4.23 31.72 9.71
C ASP B 164 4.48 30.25 9.31
N VAL B 165 5.59 29.65 9.73
CA VAL B 165 5.73 28.24 9.50
C VAL B 165 4.76 27.44 10.39
N LYS B 166 4.12 26.42 9.77
CA LYS B 166 3.20 25.54 10.48
C LYS B 166 3.77 24.19 10.91
N LEU B 167 4.69 23.63 10.10
CA LEU B 167 5.25 22.32 10.32
C LEU B 167 6.74 22.39 9.98
N PHE B 168 7.53 21.63 10.74
CA PHE B 168 8.92 21.37 10.47
C PHE B 168 9.12 19.86 10.29
N ILE B 169 9.71 19.49 9.16
CA ILE B 169 10.07 18.03 8.91
C ILE B 169 11.53 17.83 9.22
N LEU B 170 11.75 17.09 10.29
CA LEU B 170 13.08 16.75 10.77
C LEU B 170 13.51 15.32 10.29
N CYS B 171 14.74 15.22 9.84
CA CYS B 171 15.29 13.93 9.46
C CYS B 171 16.32 13.52 10.53
N ASN B 172 16.01 12.44 11.28
CA ASN B 172 16.83 12.11 12.45
C ASN B 172 16.94 10.57 12.59
N PRO B 173 18.08 9.92 12.19
CA PRO B 173 19.30 10.45 11.61
C PRO B 173 19.03 11.16 10.26
N HIS B 174 19.89 12.10 9.94
CA HIS B 174 19.73 12.96 8.77
C HIS B 174 20.45 12.36 7.57
N ASN B 175 19.68 11.95 6.59
CA ASN B 175 20.12 11.47 5.27
C ASN B 175 20.15 12.66 4.31
N PRO B 176 21.28 12.96 3.69
CA PRO B 176 22.40 12.12 3.41
C PRO B 176 23.67 12.35 4.22
N VAL B 177 23.68 13.34 5.12
CA VAL B 177 24.94 13.77 5.72
C VAL B 177 25.35 12.84 6.87
N GLY B 178 24.42 12.02 7.35
CA GLY B 178 24.74 11.03 8.36
C GLY B 178 24.82 11.46 9.81
N ARG B 179 24.25 12.63 10.13
CA ARG B 179 24.21 13.13 11.50
C ARG B 179 23.20 12.37 12.36
N VAL B 180 23.63 12.00 13.56
CA VAL B 180 22.75 11.51 14.58
C VAL B 180 22.73 12.65 15.58
N TRP B 181 21.63 13.38 15.61
CA TRP B 181 21.57 14.62 16.41
C TRP B 181 21.65 14.27 17.87
N THR B 182 22.47 15.03 18.62
CA THR B 182 22.53 14.89 20.06
C THR B 182 21.26 15.39 20.75
N LYS B 183 21.05 14.94 21.96
CA LYS B 183 19.90 15.43 22.75
C LYS B 183 19.90 16.94 22.83
N ASP B 184 21.06 17.56 23.08
CA ASP B 184 21.09 19.01 23.19
C ASP B 184 20.78 19.72 21.87
N GLU B 185 21.20 19.13 20.76
CA GLU B 185 20.87 19.70 19.46
C GLU B 185 19.37 19.65 19.22
N LEU B 186 18.75 18.56 19.59
CA LEU B 186 17.33 18.33 19.46
C LEU B 186 16.56 19.25 20.36
N LYS B 187 17.01 19.36 21.60
CA LYS B 187 16.36 20.29 22.53
C LYS B 187 16.34 21.70 21.95
N LYS B 188 17.45 22.16 21.37
CA LYS B 188 17.51 23.52 20.87
C LYS B 188 16.50 23.70 19.74
N LEU B 189 16.35 22.71 18.88
CA LEU B 189 15.37 22.82 17.80
C LEU B 189 13.95 22.74 18.33
N GLY B 190 13.67 21.81 19.23
CA GLY B 190 12.32 21.62 19.69
C GLY B 190 11.84 22.83 20.48
N ASP B 191 12.74 23.54 21.12
CA ASP B 191 12.35 24.75 21.91
C ASP B 191 11.91 25.84 20.94
N ILE B 192 12.63 26.03 19.85
CA ILE B 192 12.21 26.98 18.80
C ILE B 192 10.82 26.69 18.30
N CYS B 193 10.57 25.44 17.99
CA CYS B 193 9.29 25.06 17.44
C CYS B 193 8.18 25.18 18.48
N LEU B 194 8.46 24.83 19.74
CA LEU B 194 7.43 25.04 20.77
C LEU B 194 7.02 26.53 20.85
N LYS B 195 8.03 27.39 20.90
CA LYS B 195 7.84 28.82 21.03
C LYS B 195 7.03 29.43 19.90
N HIS B 196 7.23 28.92 18.69
CA HIS B 196 6.57 29.42 17.52
C HIS B 196 5.37 28.61 17.12
N ASN B 197 4.95 27.67 17.96
CA ASN B 197 3.75 26.88 17.66
C ASN B 197 3.88 26.16 16.30
N VAL B 198 5.05 25.60 16.09
CA VAL B 198 5.38 24.77 14.89
C VAL B 198 5.42 23.29 15.32
N LYS B 199 4.57 22.48 14.70
CA LYS B 199 4.54 21.02 14.99
C LYS B 199 5.69 20.37 14.26
N ILE B 200 6.39 19.45 14.90
CA ILE B 200 7.48 18.69 14.24
C ILE B 200 7.01 17.34 13.79
N ILE B 201 7.24 17.08 12.51
CA ILE B 201 7.20 15.66 11.99
C ILE B 201 8.61 15.10 11.89
N SER B 202 8.90 14.11 12.72
CA SER B 202 10.27 13.59 12.76
C SER B 202 10.33 12.23 11.99
N ASP B 203 11.02 12.26 10.85
CA ASP B 203 11.36 11.03 10.08
C ASP B 203 12.57 10.36 10.65
N GLU B 204 12.29 9.29 11.40
CA GLU B 204 13.29 8.56 12.08
C GLU B 204 13.44 7.17 11.50
N ILE B 205 13.26 7.03 10.22
CA ILE B 205 13.36 5.73 9.60
C ILE B 205 14.75 5.11 9.76
N HIS B 206 15.81 5.91 9.86
CA HIS B 206 17.20 5.33 10.03
C HIS B 206 17.56 5.17 11.46
N SER B 207 16.57 5.20 12.36
CA SER B 207 16.78 5.19 13.84
C SER B 207 17.60 3.99 14.37
N ASP B 208 17.53 2.85 13.68
CA ASP B 208 18.26 1.64 14.13
C ASP B 208 19.73 1.48 13.56
N ILE B 209 20.05 2.23 12.55
CA ILE B 209 21.30 2.18 11.85
C ILE B 209 22.19 3.24 12.43
N ILE B 210 22.76 2.90 13.57
CA ILE B 210 23.60 3.82 14.38
C ILE B 210 24.91 3.22 14.65
N LEU B 211 25.94 4.02 14.45
CA LEU B 211 27.30 3.51 14.59
C LEU B 211 27.82 3.64 16.01
N LYS B 212 28.98 3.02 16.26
CA LYS B 212 29.55 2.99 17.63
C LYS B 212 29.76 4.41 18.14
N LYS B 213 29.55 4.55 19.44
CA LYS B 213 29.73 5.80 20.16
C LYS B 213 28.67 6.84 19.79
N HIS B 214 27.56 6.42 19.14
CA HIS B 214 26.41 7.30 18.92
C HIS B 214 25.15 6.59 19.36
N LYS B 215 24.14 7.41 19.66
CA LYS B 215 22.87 6.88 20.12
C LYS B 215 21.70 7.68 19.56
N HIS B 216 20.71 6.97 19.04
CA HIS B 216 19.54 7.62 18.53
C HIS B 216 18.70 8.15 19.64
N ILE B 217 18.30 9.40 19.54
CA ILE B 217 17.36 9.96 20.47
C ILE B 217 16.10 10.34 19.71
N PRO B 218 14.99 9.66 19.98
CA PRO B 218 13.75 10.15 19.36
C PRO B 218 13.37 11.55 19.87
N MET B 219 13.07 12.47 18.95
CA MET B 219 12.74 13.80 19.37
C MET B 219 11.59 13.86 20.39
N ALA B 220 10.60 13.02 20.17
CA ALA B 220 9.43 12.94 21.03
C ALA B 220 9.71 12.39 22.42
N SER B 221 10.87 11.78 22.60
CA SER B 221 11.26 11.10 23.86
C SER B 221 11.92 12.03 24.89
N ILE B 222 12.20 13.25 24.49
CA ILE B 222 13.07 14.10 25.29
C ILE B 222 12.29 14.66 26.49
N SER B 223 11.01 14.99 26.30
CA SER B 223 10.15 15.54 27.33
C SER B 223 8.69 15.37 26.96
N LYS B 224 7.80 15.61 27.93
CA LYS B 224 6.39 15.51 27.63
C LYS B 224 5.90 16.60 26.73
N GLU B 225 6.46 17.81 26.85
CA GLU B 225 6.09 18.90 25.98
C GLU B 225 6.54 18.56 24.52
N PHE B 226 7.72 18.00 24.38
CA PHE B 226 8.17 17.61 23.05
C PHE B 226 7.29 16.49 22.50
N GLU B 227 7.00 15.48 23.35
CA GLU B 227 6.11 14.36 22.96
CA GLU B 227 6.13 14.36 22.93
C GLU B 227 4.81 14.89 22.37
N LYS B 228 4.21 15.87 23.03
CA LYS B 228 2.95 16.41 22.58
C LYS B 228 3.10 17.20 21.27
N ASN B 229 4.29 17.70 20.98
CA ASN B 229 4.49 18.54 19.79
C ASN B 229 5.21 17.81 18.63
N THR B 230 5.34 16.51 18.72
CA THR B 230 6.14 15.76 17.74
C THR B 230 5.33 14.55 17.26
N ILE B 231 5.26 14.39 15.93
CA ILE B 231 4.76 13.16 15.29
C ILE B 231 5.94 12.42 14.70
N THR B 232 5.99 11.10 14.93
CA THR B 232 7.20 10.33 14.57
C THR B 232 6.92 9.22 13.61
N CYS B 233 7.74 9.15 12.54
CA CYS B 233 7.62 8.10 11.54
C CYS B 233 8.81 7.18 11.66
N MET B 234 8.55 5.87 11.76
CA MET B 234 9.59 4.84 11.86
C MET B 234 9.15 3.64 11.05
N ALA B 235 10.05 2.65 10.88
CA ALA B 235 9.71 1.49 10.03
C ALA B 235 10.77 0.46 10.27
N PRO B 236 10.45 -0.80 9.95
CA PRO B 236 11.45 -1.86 9.96
C PRO B 236 12.19 -1.96 8.67
N THR B 237 11.77 -1.17 7.69
CA THR B 237 12.20 -1.41 6.32
C THR B 237 13.67 -1.08 6.02
N LYS B 238 14.17 0.06 6.49
CA LYS B 238 15.59 0.40 6.31
C LYS B 238 16.45 -0.53 7.15
N THR B 239 16.09 -0.71 8.39
CA THR B 239 16.85 -1.58 9.33
C THR B 239 17.07 -2.99 8.85
N PHE B 240 15.99 -3.60 8.34
CA PHE B 240 16.02 -5.01 8.01
C PHE B 240 15.93 -5.31 6.50
N ASN B 241 15.98 -4.27 5.67
CA ASN B 241 16.03 -4.41 4.22
C ASN B 241 14.78 -5.11 3.72
N ILE B 242 13.65 -4.66 4.22
CA ILE B 242 12.38 -5.19 3.78
C ILE B 242 11.46 -4.10 3.17
N ALA B 243 12.05 -3.17 2.44
CA ALA B 243 11.20 -2.08 1.84
C ALA B 243 10.22 -2.67 0.85
N GLY B 244 10.56 -3.78 0.18
CA GLY B 244 9.65 -4.42 -0.74
C GLY B 244 8.39 -4.99 -0.10
N LEU B 245 8.42 -5.16 1.24
CA LEU B 245 7.26 -5.70 1.98
C LEU B 245 6.31 -4.59 2.36
N GLN B 246 6.79 -3.36 2.47
CA GLN B 246 5.97 -2.16 2.67
C GLN B 246 5.33 -2.16 4.06
N SER B 247 6.01 -1.54 5.00
CA SER B 247 5.51 -1.48 6.38
C SER B 247 6.16 -0.31 7.04
N SER B 248 5.34 0.57 7.62
CA SER B 248 5.87 1.61 8.49
C SER B 248 4.79 1.97 9.52
N TYR B 249 5.13 2.84 10.47
CA TYR B 249 4.14 3.28 11.46
C TYR B 249 4.42 4.71 11.79
N VAL B 250 3.39 5.35 12.34
CA VAL B 250 3.44 6.73 12.79
C VAL B 250 3.03 6.73 14.26
N VAL B 251 3.77 7.47 15.08
CA VAL B 251 3.50 7.59 16.50
C VAL B 251 2.90 8.98 16.75
N LEU B 252 1.64 9.00 17.15
CA LEU B 252 0.88 10.24 17.40
C LEU B 252 0.35 10.29 18.83
N PRO B 253 1.12 10.91 19.74
CA PRO B 253 0.72 10.97 21.14
C PRO B 253 -0.39 11.97 21.37
N ASP B 254 -0.68 12.88 20.42
CA ASP B 254 -1.83 13.80 20.57
C ASP B 254 -3.08 13.19 19.85
N GLU B 255 -4.17 12.98 20.59
CA GLU B 255 -5.38 12.34 20.03
C GLU B 255 -5.94 13.06 18.85
N LYS B 256 -5.87 14.38 18.86
CA LYS B 256 -6.42 15.15 17.74
C LYS B 256 -5.66 14.85 16.45
N ASP B 257 -4.33 14.75 16.54
CA ASP B 257 -3.53 14.45 15.36
C ASP B 257 -3.80 12.99 14.92
N TYR B 258 -3.91 12.11 15.91
CA TYR B 258 -4.23 10.72 15.62
C TYR B 258 -5.52 10.64 14.82
N LYS B 259 -6.54 11.38 15.25
CA LYS B 259 -7.83 11.33 14.58
C LYS B 259 -7.75 11.84 13.15
N LEU B 260 -7.03 12.94 12.94
CA LEU B 260 -6.89 13.53 11.61
C LEU B 260 -6.21 12.51 10.66
N LEU B 261 -5.14 11.85 11.13
CA LEU B 261 -4.41 10.95 10.27
C LEU B 261 -5.22 9.66 10.03
N ASP B 262 -5.86 9.16 11.06
CA ASP B 262 -6.70 7.98 10.92
C ASP B 262 -7.79 8.22 9.89
N ASP B 263 -8.42 9.40 9.99
CA ASP B 263 -9.49 9.73 9.08
C ASP B 263 -8.96 9.92 7.64
N ALA B 264 -7.74 10.43 7.48
CA ALA B 264 -7.10 10.54 6.16
C ALA B 264 -6.88 9.17 5.54
N PHE B 265 -6.36 8.23 6.33
CA PHE B 265 -6.19 6.83 5.86
C PHE B 265 -7.53 6.18 5.57
N THR B 266 -8.56 6.51 6.34
CA THR B 266 -9.90 6.03 6.03
C THR B 266 -10.38 6.57 4.68
N ARG B 267 -10.09 7.85 4.43
CA ARG B 267 -10.51 8.48 3.20
C ARG B 267 -9.90 7.84 1.95
N ILE B 268 -8.64 7.40 2.05
CA ILE B 268 -7.97 6.76 0.90
C ILE B 268 -8.02 5.22 1.03
N ASP B 269 -8.67 4.74 2.08
CA ASP B 269 -8.88 3.32 2.33
C ASP B 269 -7.59 2.52 2.32
N ILE B 270 -6.62 3.05 3.04
CA ILE B 270 -5.33 2.33 3.24
C ILE B 270 -5.23 2.05 4.74
N LYS B 271 -5.57 0.83 5.14
CA LYS B 271 -5.70 0.46 6.55
C LYS B 271 -4.95 -0.81 6.92
N ARG B 272 -4.94 -1.79 6.01
CA ARG B 272 -4.37 -3.11 6.35
C ARG B 272 -2.94 -3.30 5.85
N ASN B 273 -2.15 -3.99 6.65
CA ASN B 273 -0.89 -4.51 6.19
C ASN B 273 -1.21 -5.61 5.16
N ASN B 274 -0.30 -5.79 4.20
CA ASN B 274 -0.35 -7.01 3.38
C ASN B 274 0.07 -8.16 4.28
N CYS B 275 -0.27 -9.32 3.83
CA CYS B 275 -0.11 -10.48 4.76
C CYS B 275 1.36 -10.78 5.13
N PHE B 276 2.29 -10.46 4.23
CA PHE B 276 3.71 -10.72 4.50
C PHE B 276 4.38 -9.66 5.34
N SER B 277 4.09 -8.41 5.05
CA SER B 277 4.48 -7.30 5.88
C SER B 277 4.12 -7.52 7.36
N LEU B 278 2.89 -8.01 7.58
CA LEU B 278 2.46 -8.25 8.95
C LEU B 278 3.40 -9.17 9.75
N VAL B 279 3.73 -10.31 9.17
CA VAL B 279 4.51 -11.27 9.90
C VAL B 279 5.97 -10.89 9.94
N ALA B 280 6.49 -10.29 8.86
CA ALA B 280 7.90 -9.87 8.84
C ALA B 280 8.18 -8.73 9.83
N THR B 281 7.25 -7.81 10.01
CA THR B 281 7.47 -6.68 10.90
C THR B 281 7.61 -7.17 12.34
N GLU B 282 6.68 -8.02 12.77
CA GLU B 282 6.79 -8.62 14.12
C GLU B 282 8.03 -9.50 14.29
N ALA B 283 8.34 -10.32 13.28
CA ALA B 283 9.49 -11.19 13.34
C ALA B 283 10.79 -10.39 13.45
N SER B 284 10.89 -9.30 12.67
CA SER B 284 12.09 -8.46 12.64
CA SER B 284 12.06 -8.43 12.63
C SER B 284 12.34 -7.90 14.05
N TYR B 285 11.31 -7.29 14.65
CA TYR B 285 11.50 -6.66 15.94
C TYR B 285 11.62 -7.62 17.10
N ASN B 286 10.85 -8.71 17.07
CA ASN B 286 10.97 -9.68 18.11
C ASN B 286 12.27 -10.50 18.02
N ASN B 287 12.74 -10.83 16.83
CA ASN B 287 13.85 -11.83 16.71
C ASN B 287 15.08 -11.31 15.99
N GLY B 288 15.01 -10.14 15.40
CA GLY B 288 16.04 -9.62 14.49
C GLY B 288 17.23 -8.90 15.12
N GLU B 289 17.23 -8.72 16.44
CA GLU B 289 18.29 -7.95 17.13
C GLU B 289 19.69 -8.47 16.88
N SER B 290 19.88 -9.79 16.96
CA SER B 290 21.21 -10.35 16.74
CA SER B 290 21.20 -10.35 16.72
C SER B 290 21.72 -10.06 15.32
N TRP B 291 20.83 -10.19 14.34
CA TRP B 291 21.19 -9.91 12.96
C TRP B 291 21.55 -8.45 12.80
N LEU B 292 20.74 -7.61 13.44
CA LEU B 292 21.02 -6.21 13.37
C LEU B 292 22.36 -5.86 13.97
N GLU B 293 22.71 -6.41 15.14
CA GLU B 293 24.00 -6.07 15.73
C GLU B 293 25.19 -6.51 14.83
N SER B 294 25.02 -7.69 14.20
CA SER B 294 26.02 -8.20 13.29
CA SER B 294 26.01 -8.23 13.29
C SER B 294 26.14 -7.36 12.05
N PHE B 295 24.99 -6.89 11.55
CA PHE B 295 24.97 -6.03 10.37
C PHE B 295 25.72 -4.71 10.69
N LEU B 296 25.51 -4.16 11.87
CA LEU B 296 26.13 -2.92 12.20
C LEU B 296 27.61 -3.05 12.31
N GLU B 297 28.05 -4.20 12.80
CA GLU B 297 29.53 -4.44 12.85
C GLU B 297 30.12 -4.53 11.44
N TYR B 298 29.41 -5.24 10.56
CA TYR B 298 29.84 -5.35 9.18
C TYR B 298 29.86 -3.96 8.48
N LEU B 299 28.81 -3.20 8.68
CA LEU B 299 28.68 -1.89 8.11
C LEU B 299 29.80 -0.97 8.56
N GLU B 300 30.04 -0.92 9.86
CA GLU B 300 31.07 -0.02 10.35
C GLU B 300 32.41 -0.42 9.77
N SER B 301 32.65 -1.72 9.62
CA SER B 301 33.86 -2.13 8.96
C SER B 301 33.95 -1.68 7.50
N ASN B 302 32.86 -1.82 6.73
CA ASN B 302 32.82 -1.28 5.39
C ASN B 302 33.08 0.24 5.37
N ILE B 303 32.47 0.95 6.31
CA ILE B 303 32.68 2.40 6.37
C ILE B 303 34.15 2.74 6.61
N ASP B 304 34.77 2.08 7.58
CA ASP B 304 36.15 2.34 7.85
C ASP B 304 37.04 1.98 6.65
N PHE B 305 36.75 0.86 6.01
CA PHE B 305 37.44 0.49 4.81
C PHE B 305 37.33 1.52 3.69
N ALA B 306 36.11 2.06 3.48
CA ALA B 306 35.90 2.96 2.36
C ALA B 306 36.63 4.27 2.61
N ILE B 307 36.61 4.70 3.85
CA ILE B 307 37.22 6.03 4.18
C ILE B 307 38.74 5.88 4.06
N LYS B 308 39.27 4.75 4.53
CA LYS B 308 40.71 4.49 4.36
C LYS B 308 41.11 4.42 2.90
N TYR B 309 40.31 3.72 2.10
CA TYR B 309 40.56 3.62 0.66
C TYR B 309 40.56 4.97 -0.02
N ILE B 310 39.53 5.79 0.26
CA ILE B 310 39.42 7.13 -0.32
C ILE B 310 40.61 7.99 0.10
N ASN B 311 40.93 8.01 1.40
CA ASN B 311 42.04 8.87 1.90
C ASN B 311 43.39 8.44 1.32
N GLU B 312 43.58 7.17 1.10
CA GLU B 312 44.79 6.67 0.51
C GLU B 312 44.85 6.78 -1.02
N ASN B 313 43.76 6.45 -1.70
CA ASN B 313 43.77 6.31 -3.16
C ASN B 313 43.11 7.44 -3.93
N MET B 314 42.22 8.19 -3.28
CA MET B 314 41.53 9.34 -3.89
C MET B 314 41.57 10.55 -2.97
N PRO B 315 42.77 11.02 -2.64
CA PRO B 315 42.97 12.02 -1.58
C PRO B 315 42.32 13.34 -1.85
N LYS B 316 42.00 13.64 -3.11
CA LYS B 316 41.30 14.92 -3.37
C LYS B 316 39.85 14.91 -2.94
N LEU B 317 39.28 13.71 -2.76
CA LEU B 317 37.93 13.58 -2.26
C LEU B 317 37.97 13.78 -0.75
N LYS B 318 36.88 14.24 -0.20
CA LYS B 318 36.78 14.51 1.25
C LYS B 318 35.50 13.85 1.77
N VAL B 319 35.61 13.20 2.92
CA VAL B 319 34.52 12.38 3.49
C VAL B 319 34.67 12.41 5.01
N ARG B 320 33.56 12.67 5.68
CA ARG B 320 33.45 12.48 7.14
C ARG B 320 32.71 11.18 7.45
N LYS B 321 33.13 10.48 8.47
CA LYS B 321 32.48 9.23 8.82
C LYS B 321 31.07 9.51 9.35
N PRO B 322 30.08 8.84 8.77
CA PRO B 322 28.74 9.05 9.32
C PRO B 322 28.57 8.47 10.71
N GLU B 323 27.61 9.06 11.44
CA GLU B 323 27.25 8.62 12.75
C GLU B 323 26.12 7.60 12.69
N GLY B 324 25.33 7.68 11.63
CA GLY B 324 24.28 6.72 11.36
C GLY B 324 23.93 6.71 9.86
N THR B 325 22.98 5.82 9.53
CA THR B 325 22.66 5.43 8.17
C THR B 325 23.84 4.52 7.64
N TYR B 326 23.57 3.84 6.54
CA TYR B 326 24.61 3.18 5.79
C TYR B 326 25.04 3.89 4.52
N LEU B 327 24.89 5.22 4.52
CA LEU B 327 25.09 6.00 3.37
C LEU B 327 26.29 6.96 3.60
N LEU B 328 27.17 7.02 2.62
CA LEU B 328 28.38 7.79 2.73
C LEU B 328 28.24 9.02 1.83
N TRP B 329 28.64 10.17 2.36
CA TRP B 329 28.46 11.47 1.71
C TRP B 329 29.81 11.99 1.38
N VAL B 330 30.17 12.00 0.09
CA VAL B 330 31.55 12.22 -0.33
C VAL B 330 31.64 13.49 -1.17
N ASP B 331 32.56 14.38 -0.83
CA ASP B 331 32.73 15.67 -1.51
C ASP B 331 33.78 15.49 -2.62
N PHE B 332 33.32 15.67 -3.87
CA PHE B 332 34.14 15.59 -5.09
C PHE B 332 34.53 16.97 -5.62
N SER B 333 34.22 18.03 -4.89
CA SER B 333 34.38 19.37 -5.41
C SER B 333 35.81 19.79 -5.75
N ALA B 334 36.82 19.19 -5.11
CA ALA B 334 38.21 19.58 -5.35
C ALA B 334 38.67 19.11 -6.71
N LEU B 335 37.93 18.22 -7.37
CA LEU B 335 38.22 17.86 -8.78
C LEU B 335 38.02 19.02 -9.79
N GLY B 336 37.25 20.04 -9.43
CA GLY B 336 37.07 21.18 -10.36
C GLY B 336 36.09 20.93 -11.47
N LEU B 337 35.25 19.90 -11.30
CA LEU B 337 34.27 19.56 -12.30
C LEU B 337 32.92 20.07 -11.87
N SER B 338 32.10 20.49 -12.85
CA SER B 338 30.72 20.81 -12.59
C SER B 338 29.94 19.56 -12.18
N ASP B 339 28.77 19.76 -11.58
CA ASP B 339 27.96 18.61 -11.15
C ASP B 339 27.64 17.76 -12.39
N GLU B 340 27.34 18.43 -13.51
CA GLU B 340 27.04 17.71 -14.75
C GLU B 340 28.22 16.85 -15.23
N GLU B 341 29.41 17.41 -15.18
CA GLU B 341 30.65 16.74 -15.64
C GLU B 341 30.95 15.54 -14.74
N LEU B 342 30.76 15.74 -13.46
CA LEU B 342 31.00 14.65 -12.50
C LEU B 342 30.00 13.50 -12.70
N GLU B 343 28.73 13.81 -12.84
CA GLU B 343 27.71 12.79 -13.10
C GLU B 343 28.11 12.03 -14.37
N SER B 344 28.47 12.76 -15.41
CA SER B 344 28.91 12.14 -16.69
C SER B 344 30.08 11.20 -16.56
N ILE B 345 31.16 11.59 -15.88
CA ILE B 345 32.34 10.69 -15.79
C ILE B 345 32.04 9.49 -14.93
N LEU B 346 31.22 9.66 -13.89
CA LEU B 346 30.93 8.51 -13.05
C LEU B 346 30.19 7.44 -13.82
N VAL B 347 29.22 7.86 -14.62
CA VAL B 347 28.38 6.93 -15.35
C VAL B 347 29.15 6.37 -16.54
N GLN B 348 29.80 7.26 -17.29
CA GLN B 348 30.40 6.93 -18.60
C GLN B 348 31.75 6.23 -18.48
N LYS B 349 32.61 6.76 -17.62
CA LYS B 349 33.95 6.22 -17.43
C LYS B 349 34.02 5.24 -16.25
N GLY B 350 33.45 5.61 -15.11
CA GLY B 350 33.43 4.70 -13.98
C GLY B 350 32.44 3.53 -14.12
N LYS B 351 31.33 3.77 -14.80
CA LYS B 351 30.23 2.79 -14.89
C LYS B 351 29.72 2.42 -13.49
N VAL B 352 29.44 3.46 -12.71
CA VAL B 352 28.97 3.28 -11.33
C VAL B 352 27.85 4.27 -11.11
N ALA B 353 26.84 3.83 -10.34
CA ALA B 353 25.65 4.64 -10.07
C ALA B 353 25.62 5.08 -8.61
N LEU B 354 25.82 6.39 -8.41
CA LEU B 354 25.76 7.01 -7.06
C LEU B 354 24.62 7.99 -7.09
N ASN B 355 24.14 8.42 -5.94
CA ASN B 355 23.10 9.49 -5.90
C ASN B 355 23.77 10.82 -5.99
N GLN B 356 23.44 11.62 -7.00
CA GLN B 356 23.99 12.96 -7.19
C GLN B 356 23.68 13.83 -6.00
N GLY B 357 24.67 14.50 -5.47
CA GLY B 357 24.48 15.46 -4.39
C GLY B 357 23.44 16.50 -4.64
N ASN B 358 23.39 17.06 -5.86
CA ASN B 358 22.43 18.15 -6.06
C ASN B 358 20.96 17.75 -5.94
N SER B 359 20.66 16.45 -6.05
CA SER B 359 19.31 15.93 -5.87
C SER B 359 18.76 16.17 -4.48
N PHE B 360 19.64 16.37 -3.49
CA PHE B 360 19.30 16.58 -2.11
C PHE B 360 19.07 18.05 -1.76
N GLY B 361 19.18 18.88 -2.79
CA GLY B 361 18.93 20.30 -2.67
C GLY B 361 20.14 21.12 -2.22
N ILE B 362 19.84 22.26 -1.57
CA ILE B 362 20.88 23.25 -1.19
C ILE B 362 21.97 22.56 -0.40
N GLY B 363 23.21 22.82 -0.75
CA GLY B 363 24.34 22.22 -0.06
C GLY B 363 24.76 20.84 -0.63
N GLY B 364 24.06 20.31 -1.62
CA GLY B 364 24.42 19.06 -2.23
C GLY B 364 25.42 19.14 -3.33
N SER B 365 25.58 20.33 -3.93
CA SER B 365 26.47 20.47 -5.08
C SER B 365 27.89 19.97 -4.76
N GLY B 366 28.45 19.17 -5.66
CA GLY B 366 29.81 18.66 -5.53
C GLY B 366 29.88 17.34 -4.77
N TYR B 367 28.78 16.94 -4.13
CA TYR B 367 28.79 15.71 -3.37
C TYR B 367 28.15 14.57 -4.18
N GLN B 368 28.44 13.34 -3.74
CA GLN B 368 27.74 12.12 -4.16
C GLN B 368 27.50 11.27 -2.93
N ARG B 369 26.39 10.54 -2.94
CA ARG B 369 26.02 9.63 -1.86
C ARG B 369 26.20 8.19 -2.36
N ILE B 370 26.88 7.44 -1.51
CA ILE B 370 27.26 6.05 -1.81
C ILE B 370 26.66 5.10 -0.76
N ASN B 371 25.98 4.04 -1.24
CA ASN B 371 25.36 3.04 -0.35
C ASN B 371 26.31 1.93 0.00
N LEU B 372 26.65 1.85 1.29
CA LEU B 372 27.64 0.89 1.79
C LEU B 372 27.03 -0.37 2.33
N ALA B 373 25.73 -0.62 2.19
CA ALA B 373 25.11 -1.84 2.68
C ALA B 373 25.17 -2.90 1.59
N CYS B 374 26.40 -3.39 1.37
CA CYS B 374 26.67 -4.36 0.30
C CYS B 374 27.92 -5.16 0.70
N PRO B 375 28.14 -6.35 0.10
CA PRO B 375 29.33 -7.09 0.49
C PRO B 375 30.59 -6.27 0.24
N ARG B 376 31.59 -6.47 1.10
CA ARG B 376 32.90 -5.89 0.92
C ARG B 376 33.38 -5.92 -0.52
N SER B 377 33.28 -7.08 -1.19
CA SER B 377 33.83 -7.21 -2.53
CA SER B 377 33.85 -7.21 -2.51
C SER B 377 33.20 -6.26 -3.51
N MET B 378 31.89 -6.03 -3.34
CA MET B 378 31.15 -5.10 -4.19
C MET B 378 31.54 -3.66 -3.86
N LEU B 379 31.72 -3.37 -2.59
CA LEU B 379 32.22 -2.06 -2.19
C LEU B 379 33.57 -1.76 -2.76
N GLU B 380 34.49 -2.72 -2.70
CA GLU B 380 35.80 -2.54 -3.32
C GLU B 380 35.72 -2.26 -4.80
N GLU B 381 34.86 -2.99 -5.50
CA GLU B 381 34.67 -2.76 -6.93
C GLU B 381 34.16 -1.37 -7.20
N ALA B 382 33.21 -0.98 -6.38
CA ALA B 382 32.68 0.37 -6.50
C ALA B 382 33.76 1.43 -6.35
N LEU B 383 34.57 1.30 -5.35
CA LEU B 383 35.64 2.29 -5.11
C LEU B 383 36.68 2.30 -6.22
N ILE B 384 37.02 1.14 -6.75
CA ILE B 384 37.89 1.07 -7.91
C ILE B 384 37.32 1.74 -9.14
N ARG B 385 35.99 1.60 -9.36
CA ARG B 385 35.36 2.27 -10.47
C ARG B 385 35.35 3.81 -10.30
N ILE B 386 35.11 4.27 -9.07
CA ILE B 386 35.10 5.72 -8.79
C ILE B 386 36.51 6.23 -9.05
N LYS B 387 37.49 5.51 -8.54
CA LYS B 387 38.94 5.85 -8.79
C LYS B 387 39.20 5.98 -10.30
N ASN B 388 38.70 5.03 -11.09
CA ASN B 388 38.86 5.09 -12.55
C ASN B 388 38.16 6.32 -13.15
N ALA B 389 36.93 6.60 -12.69
CA ALA B 389 36.16 7.76 -13.18
C ALA B 389 36.93 9.05 -13.06
N ILE B 390 37.64 9.26 -11.95
CA ILE B 390 38.18 10.59 -11.63
C ILE B 390 39.64 10.75 -12.00
N ASN B 391 40.21 9.66 -12.54
CA ASN B 391 41.59 9.57 -13.06
C ASN B 391 41.52 9.23 -14.56
N1 PLP C . -15.05 -3.03 -5.17
C2 PLP C . -16.07 -3.94 -4.96
C2A PLP C . -17.39 -3.88 -5.65
C3 PLP C . -15.89 -5.04 -4.04
O3 PLP C . -16.87 -5.90 -3.82
C4 PLP C . -14.62 -5.17 -3.34
C4A PLP C . -14.40 -6.27 -2.32
C5 PLP C . -13.60 -4.18 -3.62
C6 PLP C . -13.86 -3.12 -4.53
C5A PLP C . -12.28 -4.32 -2.94
O4P PLP C . -11.74 -3.04 -2.92
P PLP C . -10.19 -2.95 -2.49
O1P PLP C . -9.43 -3.38 -3.70
O2P PLP C . -10.11 -1.41 -2.11
O3P PLP C . -10.06 -3.98 -1.34
CL CL D . -35.87 -9.39 -15.49
CL CL E . -38.75 -20.44 6.39
N1 PLP F . 12.72 8.65 4.86
C2 PLP F . 14.07 8.73 4.71
C2A PLP F . 15.00 9.71 5.34
C3 PLP F . 14.69 7.72 3.87
O3 PLP F . 15.99 7.78 3.69
C4 PLP F . 13.89 6.71 3.21
C4A PLP F . 14.53 5.67 2.32
C5 PLP F . 12.47 6.76 3.49
C6 PLP F . 11.92 7.77 4.31
C5A PLP F . 11.64 5.70 2.85
O4P PLP F . 10.37 6.23 2.75
P PLP F . 9.16 5.20 2.38
O1P PLP F . 9.82 4.32 1.31
O2P PLP F . 8.98 4.34 3.62
O3P PLP F . 8.03 6.29 1.92
CL CL G . 42.09 12.11 -6.08
#